data_6FNR
#
_entry.id   6FNR
#
_cell.length_a   71.153
_cell.length_b   79.211
_cell.length_c   136.316
_cell.angle_alpha   90.000
_cell.angle_beta   90.000
_cell.angle_gamma   90.000
#
_symmetry.space_group_name_H-M   'P 21 21 21'
#
loop_
_entity.id
_entity.type
_entity.pdbx_description
1 polymer 'Histidine N-alpha-methyltransferase'
2 non-polymer 'MAGNESIUM ION'
3 non-polymer GLYCEROL
4 non-polymer '(2~{S})-2-chloranyl-3-(1~{H}-imidazol-5-yl)propanoic acid'
5 non-polymer 'TETRAETHYLENE GLYCOL'
6 water water
#
_entity_poly.entity_id   1
_entity_poly.type   'polypeptide(L)'
_entity_poly.pdbx_seq_one_letter_code
;GHMALSLANYLAADSAAEALRRDVRAGLTATQKSLPPKWFYDAVGSDLFDQITRLPEYYPTRTEAQILRTRSAEIISAAG
ADTLVELGSGTSEKTRMLLDAMRDAELLRRFIPFDVDAGVLRSAGAAIGAEYPGIEIDAVCGDFEEHLGKIPHVGRRLVV
FLGSTIGNLTPAPRAEFLSTLADTLQPGDSLLLGTDLVKDTGRLVRAYDDAAGVTAAFNRNVLAVVNRELSADFDLDAFE
HVAKWNSDEERIEMWLRARTAQHVRVAALDLEVDFAAGEEMLTEVSCKFRPENVVAELAEAGLRQTHWWTDPAGDFGLSL
AVR
;
_entity_poly.pdbx_strand_id   A,B
#
loop_
_chem_comp.id
_chem_comp.type
_chem_comp.name
_chem_comp.formula
DYT non-polymer '(2~{S})-2-chloranyl-3-(1~{H}-imidazol-5-yl)propanoic acid' 'C6 H7 Cl N2 O2'
GOL non-polymer GLYCEROL 'C3 H8 O3'
MG non-polymer 'MAGNESIUM ION' 'Mg 2'
PG4 non-polymer 'TETRAETHYLENE GLYCOL' 'C8 H18 O5'
#
# COMPACT_ATOMS: atom_id res chain seq x y z
N HIS A 2 -4.43 -24.91 -6.12
CA HIS A 2 -5.04 -23.91 -7.04
C HIS A 2 -6.50 -23.60 -6.67
N MET A 3 -7.43 -24.36 -7.22
CA MET A 3 -8.85 -24.04 -7.08
C MET A 3 -9.58 -24.82 -5.98
N ALA A 4 -8.91 -25.78 -5.35
CA ALA A 4 -9.54 -26.61 -4.34
C ALA A 4 -9.98 -25.77 -3.16
N LEU A 5 -11.27 -25.84 -2.82
CA LEU A 5 -11.82 -24.97 -1.80
C LEU A 5 -13.21 -25.41 -1.35
N SER A 6 -13.51 -25.11 -0.10
CA SER A 6 -14.89 -25.12 0.38
C SER A 6 -15.13 -23.70 0.91
N LEU A 7 -16.25 -23.10 0.54
CA LEU A 7 -16.60 -21.75 1.00
C LEU A 7 -18.08 -21.66 1.35
N ALA A 8 -18.37 -21.28 2.59
CA ALA A 8 -19.71 -21.00 3.06
C ALA A 8 -19.84 -19.50 3.25
N ASN A 9 -20.87 -18.90 2.68
CA ASN A 9 -21.03 -17.46 2.70
C ASN A 9 -22.34 -17.07 3.35
N TYR A 10 -22.26 -16.50 4.56
CA TYR A 10 -23.44 -16.14 5.33
C TYR A 10 -23.70 -14.64 5.28
N LEU A 11 -22.92 -13.91 4.48
CA LEU A 11 -23.13 -12.47 4.31
C LEU A 11 -23.75 -12.17 2.95
N ALA A 12 -24.62 -11.18 2.92
CA ALA A 12 -25.26 -10.74 1.67
C ALA A 12 -24.91 -9.28 1.41
N ALA A 13 -24.79 -8.92 0.14
CA ALA A 13 -24.42 -7.56 -0.24
C ALA A 13 -25.48 -6.56 0.24
N ASP A 14 -26.75 -6.91 0.09
CA ASP A 14 -27.83 -6.01 0.50
C ASP A 14 -27.86 -5.86 2.03
N SER A 15 -27.45 -6.91 2.74
CA SER A 15 -27.44 -6.88 4.19
C SER A 15 -26.32 -6.00 4.75
N ALA A 16 -25.17 -6.01 4.08
CA ALA A 16 -24.08 -5.12 4.45
C ALA A 16 -24.43 -3.66 4.14
N ALA A 17 -25.09 -3.43 3.00
CA ALA A 17 -25.53 -2.08 2.65
C ALA A 17 -26.50 -1.55 3.71
N GLU A 18 -27.39 -2.40 4.18
CA GLU A 18 -28.35 -1.99 5.20
C GLU A 18 -27.63 -1.70 6.53
N ALA A 19 -26.61 -2.50 6.85
CA ALA A 19 -25.86 -2.29 8.07
C ALA A 19 -25.14 -0.93 8.05
N LEU A 20 -24.61 -0.56 6.90
CA LEU A 20 -23.94 0.73 6.79
C LEU A 20 -24.93 1.88 6.95
N ARG A 21 -26.10 1.74 6.33
CA ARG A 21 -27.15 2.76 6.47
C ARG A 21 -27.50 2.97 7.95
N ARG A 22 -27.74 1.88 8.65
CA ARG A 22 -28.12 1.97 10.06
C ARG A 22 -27.02 2.57 10.92
N ASP A 23 -25.79 2.11 10.70
CA ASP A 23 -24.67 2.57 11.51
C ASP A 23 -24.38 4.06 11.31
N VAL A 24 -24.48 4.53 10.07
CA VAL A 24 -24.15 5.91 9.76
C VAL A 24 -25.25 6.84 10.28
N ARG A 25 -26.50 6.41 10.17
CA ARG A 25 -27.60 7.22 10.68
C ARG A 25 -27.46 7.36 12.19
N ALA A 26 -27.22 6.25 12.87
CA ALA A 26 -27.14 6.27 14.33
C ALA A 26 -25.93 7.07 14.78
N GLY A 27 -24.79 6.85 14.12
CA GLY A 27 -23.56 7.50 14.52
C GLY A 27 -23.53 9.00 14.28
N LEU A 28 -24.13 9.46 13.19
CA LEU A 28 -24.03 10.88 12.85
C LEU A 28 -25.11 11.71 13.54
N THR A 29 -26.13 11.06 14.10
CA THR A 29 -27.20 11.78 14.79
C THR A 29 -27.05 11.68 16.31
N ALA A 30 -26.08 10.90 16.78
CA ALA A 30 -25.79 10.81 18.21
C ALA A 30 -25.25 12.12 18.78
N THR A 31 -25.49 12.36 20.06
CA THR A 31 -25.04 13.60 20.69
C THR A 31 -23.53 13.73 20.57
N GLN A 32 -22.81 12.63 20.81
CA GLN A 32 -21.40 12.55 20.44
C GLN A 32 -21.30 11.70 19.19
N LYS A 33 -20.96 12.32 18.08
CA LYS A 33 -20.92 11.62 16.80
C LYS A 33 -19.86 10.52 16.79
N SER A 34 -20.16 9.42 16.12
CA SER A 34 -19.19 8.34 15.93
C SER A 34 -19.46 7.58 14.63
N LEU A 35 -18.48 6.82 14.18
CA LEU A 35 -18.68 5.83 13.11
C LEU A 35 -17.95 4.54 13.49
N PRO A 36 -18.55 3.37 13.21
CA PRO A 36 -17.87 2.12 13.55
C PRO A 36 -16.65 1.83 12.67
N PRO A 37 -15.55 1.34 13.27
CA PRO A 37 -14.33 1.16 12.48
C PRO A 37 -14.40 0.03 11.46
N LYS A 38 -15.40 -0.85 11.56
CA LYS A 38 -15.51 -1.92 10.56
C LYS A 38 -15.58 -1.34 9.15
N TRP A 39 -16.07 -0.11 9.03
CA TRP A 39 -16.27 0.48 7.71
C TRP A 39 -14.97 1.11 7.17
N PHE A 40 -13.89 1.08 7.95
CA PHE A 40 -12.56 1.43 7.45
C PHE A 40 -12.11 0.52 6.31
N TYR A 41 -12.60 -0.71 6.28
CA TYR A 41 -11.91 -1.76 5.55
C TYR A 41 -12.54 -2.08 4.20
N ASP A 42 -12.78 -1.05 3.40
CA ASP A 42 -13.07 -1.23 1.98
C ASP A 42 -11.73 -1.51 1.29
N ALA A 43 -11.72 -1.63 -0.03
CA ALA A 43 -10.48 -2.00 -0.71
C ALA A 43 -9.36 -0.98 -0.41
N GLY A 45 -9.05 1.12 2.04
CA GLY A 45 -8.76 1.19 3.47
C GLY A 45 -7.97 -0.01 3.92
N SER A 46 -8.28 -1.19 3.38
CA SER A 46 -7.55 -2.40 3.71
CA SER A 46 -7.55 -2.39 3.73
C SER A 46 -6.11 -2.29 3.24
N ASP A 47 -5.93 -1.63 2.10
CA ASP A 47 -4.59 -1.37 1.56
CA ASP A 47 -4.59 -1.37 1.55
C ASP A 47 -3.82 -0.41 2.46
N LEU A 48 -4.48 0.63 2.94
CA LEU A 48 -3.84 1.55 3.86
C LEU A 48 -3.48 0.85 5.16
N PHE A 49 -4.34 -0.03 5.66
CA PHE A 49 -4.01 -0.72 6.90
C PHE A 49 -2.78 -1.62 6.70
N ASP A 50 -2.68 -2.26 5.54
CA ASP A 50 -1.51 -3.07 5.25
C ASP A 50 -0.25 -2.22 5.36
N GLN A 51 -0.32 -0.98 4.86
CA GLN A 51 0.83 -0.09 4.92
C GLN A 51 1.13 0.33 6.35
N ILE A 52 0.08 0.55 7.14
CA ILE A 52 0.24 0.86 8.56
C ILE A 52 1.06 -0.20 9.28
N THR A 53 0.86 -1.47 8.98
CA THR A 53 1.59 -2.54 9.67
C THR A 53 3.11 -2.46 9.45
N ARG A 54 3.55 -1.68 8.48
CA ARG A 54 4.98 -1.52 8.18
C ARG A 54 5.55 -0.17 8.62
N LEU A 55 4.74 0.67 9.24
CA LEU A 55 5.23 1.96 9.71
C LEU A 55 6.18 1.79 10.89
N PRO A 56 7.23 2.62 10.96
CA PRO A 56 8.14 2.53 12.10
C PRO A 56 7.43 2.71 13.44
N GLU A 57 6.45 3.62 13.50
CA GLU A 57 5.74 3.90 14.76
C GLU A 57 4.79 2.78 15.17
N TYR A 58 4.27 2.02 14.21
CA TYR A 58 3.26 1.01 14.52
C TYR A 58 3.92 -0.33 14.85
N TYR A 59 4.29 -0.47 16.12
CA TYR A 59 5.02 -1.64 16.61
C TYR A 59 4.18 -2.94 16.70
N PRO A 60 2.81 -2.86 16.78
CA PRO A 60 2.15 -4.14 17.10
C PRO A 60 2.39 -5.33 16.13
N THR A 61 2.32 -5.10 14.84
CA THR A 61 2.43 -6.22 13.90
C THR A 61 3.78 -6.91 13.99
N ARG A 62 4.85 -6.15 13.91
CA ARG A 62 6.18 -6.76 13.92
C ARG A 62 6.52 -7.35 15.29
N THR A 63 5.96 -6.80 16.37
CA THR A 63 6.19 -7.34 17.70
C THR A 63 5.51 -8.70 17.84
N GLU A 64 4.25 -8.77 17.43
CA GLU A 64 3.52 -10.02 17.46
C GLU A 64 4.18 -11.05 16.55
N ALA A 65 4.61 -10.60 15.37
CA ALA A 65 5.29 -11.49 14.43
C ALA A 65 6.57 -12.09 15.03
N GLN A 66 7.32 -11.28 15.77
CA GLN A 66 8.58 -11.76 16.34
C GLN A 66 8.32 -12.78 17.45
N ILE A 67 7.22 -12.60 18.20
CA ILE A 67 6.85 -13.59 19.21
C ILE A 67 6.51 -14.91 18.53
N LEU A 68 5.73 -14.85 17.46
CA LEU A 68 5.35 -16.05 16.73
C LEU A 68 6.57 -16.69 16.07
N ARG A 69 7.47 -15.86 15.56
CA ARG A 69 8.64 -16.35 14.86
C ARG A 69 9.52 -17.18 15.79
N THR A 70 9.60 -16.80 17.06
CA THR A 70 10.49 -17.46 18.01
C THR A 70 9.79 -18.53 18.87
N ARG A 71 8.44 -18.53 18.90
CA ARG A 71 7.71 -19.45 19.79
C ARG A 71 6.62 -20.29 19.11
N SER A 72 6.51 -20.27 17.78
CA SER A 72 5.46 -21.01 17.09
CA SER A 72 5.44 -21.01 17.12
C SER A 72 5.50 -22.50 17.38
N ALA A 73 6.71 -23.07 17.44
CA ALA A 73 6.84 -24.49 17.73
C ALA A 73 6.22 -24.82 19.10
N GLU A 74 6.48 -23.97 20.09
CA GLU A 74 5.95 -24.18 21.44
C GLU A 74 4.42 -24.01 21.48
N ILE A 75 3.93 -23.03 20.73
CA ILE A 75 2.50 -22.76 20.65
C ILE A 75 1.78 -23.96 20.05
N ILE A 76 2.30 -24.45 18.94
CA ILE A 76 1.71 -25.59 18.26
C ILE A 76 1.78 -26.85 19.09
N SER A 77 2.87 -27.03 19.82
CA SER A 77 3.03 -28.20 20.68
C SER A 77 2.03 -28.16 21.84
N ALA A 78 1.83 -26.98 22.40
CA ALA A 78 0.89 -26.83 23.50
C ALA A 78 -0.54 -27.07 23.02
N ALA A 79 -0.87 -26.62 21.82
CA ALA A 79 -2.24 -26.73 21.33
C ALA A 79 -2.56 -28.16 20.92
N GLY A 80 -1.62 -28.80 20.23
CA GLY A 80 -1.79 -30.17 19.76
C GLY A 80 -2.89 -30.29 18.72
N ALA A 81 -3.22 -29.17 18.08
CA ALA A 81 -4.32 -29.10 17.14
C ALA A 81 -3.90 -29.56 15.75
N ASP A 82 -4.84 -30.11 14.99
CA ASP A 82 -4.58 -30.44 13.58
C ASP A 82 -5.31 -29.48 12.64
N THR A 83 -6.07 -28.56 13.21
CA THR A 83 -6.87 -27.62 12.43
C THR A 83 -6.64 -26.20 12.93
N LEU A 84 -6.27 -25.30 12.03
CA LEU A 84 -6.09 -23.89 12.36
C LEU A 84 -7.29 -23.08 11.90
N VAL A 85 -7.98 -22.45 12.84
CA VAL A 85 -9.08 -21.54 12.55
C VAL A 85 -8.58 -20.12 12.73
N GLU A 86 -8.66 -19.31 11.68
CA GLU A 86 -8.21 -17.93 11.77
C GLU A 86 -9.38 -16.95 11.70
N LEU A 87 -9.58 -16.20 12.78
CA LEU A 87 -10.51 -15.08 12.72
C LEU A 87 -9.77 -13.96 12.01
N GLY A 88 -9.85 -13.98 10.69
CA GLY A 88 -8.98 -13.22 9.80
C GLY A 88 -8.91 -13.94 8.46
N SER A 89 -8.18 -13.38 7.49
CA SER A 89 -8.28 -13.85 6.11
C SER A 89 -7.18 -14.82 5.65
N GLY A 90 -6.17 -15.03 6.49
CA GLY A 90 -5.10 -15.97 6.18
C GLY A 90 -4.10 -15.41 5.18
N THR A 91 -3.96 -14.09 5.15
CA THR A 91 -3.11 -13.41 4.19
C THR A 91 -1.72 -13.04 4.75
N SER A 92 -1.53 -13.20 6.06
CA SER A 92 -0.32 -12.71 6.72
C SER A 92 0.80 -13.73 6.80
N GLU A 93 2.01 -13.24 7.08
CA GLU A 93 3.14 -14.11 7.39
C GLU A 93 2.90 -14.86 8.70
N LYS A 94 2.21 -14.22 9.65
CA LYS A 94 1.88 -14.87 10.92
C LYS A 94 1.12 -16.17 10.71
N THR A 95 0.16 -16.16 9.80
CA THR A 95 -0.56 -17.37 9.45
C THR A 95 0.38 -18.50 9.04
N ARG A 96 1.33 -18.17 8.18
CA ARG A 96 2.26 -19.17 7.67
C ARG A 96 3.20 -19.68 8.75
N MET A 97 3.56 -18.81 9.69
CA MET A 97 4.41 -19.24 10.79
C MET A 97 3.72 -20.35 11.58
N LEU A 98 2.43 -20.18 11.81
CA LEU A 98 1.65 -21.18 12.54
C LEU A 98 1.45 -22.44 11.72
N LEU A 99 1.12 -22.28 10.44
CA LEU A 99 0.89 -23.43 9.58
C LEU A 99 2.20 -24.21 9.38
N ASP A 100 3.30 -23.49 9.21
CA ASP A 100 4.61 -24.11 9.06
C ASP A 100 4.94 -25.00 10.26
N ALA A 101 4.67 -24.49 11.46
CA ALA A 101 4.96 -25.24 12.68
C ALA A 101 4.05 -26.46 12.79
N MET A 102 2.79 -26.32 12.40
CA MET A 102 1.87 -27.44 12.41
C MET A 102 2.30 -28.51 11.42
N ARG A 103 2.79 -28.07 10.28
CA ARG A 103 3.35 -28.99 9.30
C ARG A 103 4.60 -29.68 9.82
N ASP A 104 5.51 -28.91 10.42
CA ASP A 104 6.77 -29.48 10.91
C ASP A 104 6.47 -30.55 11.96
N ALA A 105 5.43 -30.31 12.75
CA ALA A 105 5.03 -31.24 13.81
C ALA A 105 4.20 -32.40 13.24
N GLU A 106 3.97 -32.39 11.94
CA GLU A 106 3.17 -33.41 11.26
C GLU A 106 1.74 -33.50 11.84
N LEU A 107 1.20 -32.35 12.21
CA LEU A 107 -0.14 -32.25 12.78
C LEU A 107 -1.16 -31.71 11.78
N LEU A 108 -0.68 -30.87 10.85
CA LEU A 108 -1.57 -30.06 10.02
C LEU A 108 -2.44 -30.87 9.07
N ARG A 109 -3.74 -30.62 9.12
CA ARG A 109 -4.71 -31.26 8.23
C ARG A 109 -5.63 -30.24 7.54
N ARG A 110 -5.92 -29.15 8.25
CA ARG A 110 -7.03 -28.31 7.86
C ARG A 110 -6.82 -26.84 8.26
N PHE A 111 -7.26 -25.93 7.40
CA PHE A 111 -7.22 -24.48 7.61
C PHE A 111 -8.62 -23.90 7.40
N ILE A 112 -9.11 -23.15 8.39
CA ILE A 112 -10.43 -22.53 8.33
C ILE A 112 -10.34 -21.03 8.52
N PRO A 113 -10.18 -20.27 7.42
CA PRO A 113 -10.22 -18.81 7.50
C PRO A 113 -11.65 -18.31 7.60
N PHE A 114 -11.85 -17.33 8.49
CA PHE A 114 -13.16 -16.77 8.80
C PHE A 114 -13.06 -15.25 8.68
N ASP A 115 -13.74 -14.67 7.70
CA ASP A 115 -13.71 -13.21 7.56
C ASP A 115 -14.87 -12.72 6.70
N VAL A 116 -14.91 -11.41 6.46
CA VAL A 116 -16.11 -10.80 5.88
C VAL A 116 -16.05 -10.61 4.36
N ASP A 117 -14.88 -10.83 3.75
CA ASP A 117 -14.73 -10.65 2.30
C ASP A 117 -14.45 -11.97 1.59
N ALA A 118 -15.43 -12.44 0.81
CA ALA A 118 -15.33 -13.74 0.14
C ALA A 118 -14.20 -13.78 -0.90
N GLY A 119 -13.98 -12.67 -1.60
CA GLY A 119 -12.95 -12.61 -2.62
C GLY A 119 -11.56 -12.79 -2.05
N VAL A 120 -11.34 -12.24 -0.87
CA VAL A 120 -10.06 -12.37 -0.20
C VAL A 120 -9.90 -13.78 0.35
N LEU A 121 -10.98 -14.38 0.86
CA LEU A 121 -10.91 -15.76 1.34
C LEU A 121 -10.50 -16.69 0.19
N ARG A 122 -11.06 -16.47 -0.99
CA ARG A 122 -10.72 -17.28 -2.15
C ARG A 122 -9.25 -17.17 -2.52
N SER A 123 -8.72 -15.94 -2.52
CA SER A 123 -7.33 -15.71 -2.87
C SER A 123 -6.39 -16.37 -1.87
N ALA A 124 -6.70 -16.18 -0.59
CA ALA A 124 -5.90 -16.76 0.48
C ALA A 124 -5.95 -18.28 0.42
N GLY A 125 -7.14 -18.81 0.14
CA GLY A 125 -7.31 -20.24 0.01
C GLY A 125 -6.46 -20.84 -1.09
N ALA A 126 -6.34 -20.13 -2.20
CA ALA A 126 -5.54 -20.59 -3.32
C ALA A 126 -4.04 -20.54 -2.99
N ALA A 127 -3.63 -19.50 -2.27
CA ALA A 127 -2.23 -19.35 -1.90
C ALA A 127 -1.82 -20.43 -0.89
N ILE A 128 -2.63 -20.59 0.15
CA ILE A 128 -2.37 -21.58 1.19
C ILE A 128 -2.40 -22.99 0.61
N GLY A 129 -3.36 -23.25 -0.27
CA GLY A 129 -3.48 -24.56 -0.92
C GLY A 129 -2.23 -24.94 -1.70
N ALA A 130 -1.65 -23.96 -2.38
CA ALA A 130 -0.45 -24.19 -3.18
C ALA A 130 0.77 -24.40 -2.31
N GLU A 131 0.79 -23.78 -1.13
CA GLU A 131 1.96 -23.86 -0.25
C GLU A 131 1.92 -25.09 0.65
N TYR A 132 0.72 -25.59 0.94
CA TYR A 132 0.55 -26.74 1.81
C TYR A 132 -0.29 -27.81 1.13
N PRO A 133 0.27 -28.46 0.10
CA PRO A 133 -0.50 -29.45 -0.66
C PRO A 133 -1.14 -30.51 0.22
N GLY A 134 -2.39 -30.85 -0.06
CA GLY A 134 -3.07 -31.89 0.68
C GLY A 134 -3.91 -31.29 1.80
N ILE A 135 -3.65 -30.03 2.16
CA ILE A 135 -4.40 -29.38 3.23
C ILE A 135 -5.85 -29.18 2.80
N GLU A 136 -6.77 -29.38 3.73
CA GLU A 136 -8.19 -29.09 3.50
C GLU A 136 -8.46 -27.64 3.88
N ILE A 137 -9.03 -26.87 2.96
CA ILE A 137 -9.40 -25.49 3.26
C ILE A 137 -10.91 -25.32 3.24
N ASP A 138 -11.46 -24.93 4.39
CA ASP A 138 -12.88 -24.65 4.54
C ASP A 138 -13.05 -23.20 4.95
N ALA A 139 -13.28 -22.31 3.99
CA ALA A 139 -13.45 -20.91 4.29
C ALA A 139 -14.88 -20.60 4.73
N VAL A 140 -15.01 -19.63 5.62
CA VAL A 140 -16.29 -19.15 6.11
C VAL A 140 -16.36 -17.64 5.96
N CYS A 141 -17.33 -17.16 5.20
CA CYS A 141 -17.55 -15.73 5.09
C CYS A 141 -18.65 -15.37 6.05
N GLY A 142 -18.28 -14.67 7.12
CA GLY A 142 -19.24 -14.32 8.14
C GLY A 142 -18.66 -13.27 9.05
N ASP A 143 -19.51 -12.79 9.94
CA ASP A 143 -19.12 -11.69 10.81
C ASP A 143 -18.99 -12.27 12.21
N PHE A 144 -17.82 -12.07 12.83
CA PHE A 144 -17.42 -12.88 13.98
C PHE A 144 -18.16 -12.49 15.26
N GLU A 145 -19.22 -11.71 15.12
CA GLU A 145 -20.13 -11.43 16.22
C GLU A 145 -21.52 -11.92 15.91
N GLU A 146 -21.62 -13.01 15.15
CA GLU A 146 -22.91 -13.51 14.69
C GLU A 146 -22.88 -14.92 14.10
N HIS A 147 -21.81 -15.23 13.38
CA HIS A 147 -21.71 -16.49 12.67
C HIS A 147 -20.64 -17.40 13.24
N LEU A 148 -20.21 -17.17 14.47
CA LEU A 148 -19.21 -18.03 15.08
C LEU A 148 -19.69 -19.47 15.18
N GLY A 149 -21.00 -19.65 15.29
CA GLY A 149 -21.58 -20.97 15.36
C GLY A 149 -21.46 -21.71 14.03
N LYS A 150 -21.10 -20.99 12.98
CA LYS A 150 -21.02 -21.60 11.64
C LYS A 150 -19.63 -22.13 11.34
N ILE A 151 -18.66 -21.84 12.20
CA ILE A 151 -17.32 -22.40 12.04
C ILE A 151 -17.40 -23.89 12.29
N PRO A 152 -16.90 -24.72 11.35
CA PRO A 152 -16.96 -26.18 11.55
C PRO A 152 -16.24 -26.67 12.80
N HIS A 153 -16.78 -27.71 13.43
CA HIS A 153 -16.22 -28.28 14.65
C HIS A 153 -15.31 -29.48 14.39
N VAL A 154 -15.00 -29.74 13.12
CA VAL A 154 -14.18 -30.90 12.77
C VAL A 154 -12.73 -30.74 13.28
N GLY A 155 -12.19 -31.83 13.80
CA GLY A 155 -10.80 -31.88 14.24
C GLY A 155 -10.56 -31.30 15.62
N ARG A 156 -9.29 -31.24 16.00
CA ARG A 156 -8.89 -30.51 17.20
C ARG A 156 -8.43 -29.14 16.77
N ARG A 157 -9.12 -28.09 17.23
CA ARG A 157 -8.96 -26.77 16.65
C ARG A 157 -8.21 -25.76 17.50
N LEU A 158 -7.25 -25.12 16.86
CA LEU A 158 -6.58 -23.93 17.36
C LEU A 158 -7.19 -22.71 16.69
N VAL A 159 -7.94 -21.92 17.45
CA VAL A 159 -8.59 -20.71 16.96
C VAL A 159 -7.71 -19.52 17.30
N VAL A 160 -7.34 -18.75 16.29
CA VAL A 160 -6.45 -17.62 16.53
C VAL A 160 -7.13 -16.31 16.20
N PHE A 161 -6.90 -15.34 17.08
CA PHE A 161 -7.44 -14.00 16.92
C PHE A 161 -6.30 -13.03 17.24
N LEU A 162 -5.57 -12.64 16.21
CA LEU A 162 -4.31 -11.91 16.38
C LEU A 162 -4.45 -10.41 16.17
N GLY A 163 -3.36 -9.68 16.40
CA GLY A 163 -3.29 -8.27 16.03
C GLY A 163 -3.88 -7.28 17.05
N SER A 164 -4.38 -7.81 18.16
CA SER A 164 -5.10 -7.01 19.17
C SER A 164 -6.38 -6.40 18.58
N THR A 165 -6.92 -7.05 17.56
CA THR A 165 -8.20 -6.66 17.00
C THR A 165 -9.30 -6.76 18.06
N ILE A 166 -9.11 -7.63 19.03
CA ILE A 166 -10.05 -7.72 20.14
C ILE A 166 -10.15 -6.37 20.88
N GLY A 167 -9.11 -5.55 20.82
CA GLY A 167 -9.11 -4.24 21.44
C GLY A 167 -10.06 -3.22 20.82
N ASN A 168 -10.63 -3.54 19.65
CA ASN A 168 -11.63 -2.68 19.03
C ASN A 168 -13.00 -2.82 19.68
N LEU A 169 -13.18 -3.87 20.46
CA LEU A 169 -14.40 -4.08 21.22
C LEU A 169 -14.26 -3.47 22.61
N THR A 170 -15.23 -2.64 23.00
CA THR A 170 -15.27 -2.10 24.35
C THR A 170 -15.64 -3.24 25.31
N PRO A 171 -15.47 -3.02 26.62
CA PRO A 171 -15.58 -4.14 27.58
C PRO A 171 -16.84 -5.01 27.47
N ALA A 172 -18.02 -4.42 27.30
CA ALA A 172 -19.24 -5.21 27.31
C ALA A 172 -19.33 -6.10 26.06
N PRO A 173 -19.21 -5.50 24.88
CA PRO A 173 -19.23 -6.39 23.70
C PRO A 173 -18.04 -7.35 23.68
N ARG A 174 -16.91 -6.94 24.26
CA ARG A 174 -15.74 -7.80 24.27
C ARG A 174 -15.99 -9.05 25.12
N ALA A 175 -16.63 -8.87 26.27
CA ALA A 175 -16.94 -9.99 27.15
C ALA A 175 -17.94 -10.94 26.50
N GLU A 176 -18.91 -10.38 25.79
CA GLU A 176 -19.92 -11.17 25.11
C GLU A 176 -19.28 -11.96 23.98
N PHE A 177 -18.35 -11.32 23.27
CA PHE A 177 -17.63 -12.00 22.21
C PHE A 177 -16.84 -13.20 22.74
N LEU A 178 -16.01 -12.97 23.75
CA LEU A 178 -15.18 -14.05 24.28
C LEU A 178 -16.03 -15.16 24.87
N SER A 179 -17.13 -14.81 25.54
CA SER A 179 -18.01 -15.80 26.12
CA SER A 179 -18.03 -15.81 26.11
C SER A 179 -18.64 -16.67 25.02
N THR A 180 -19.05 -16.04 23.94
CA THR A 180 -19.66 -16.74 22.82
C THR A 180 -18.65 -17.65 22.14
N LEU A 181 -17.47 -17.10 21.86
CA LEU A 181 -16.40 -17.89 21.26
C LEU A 181 -16.06 -19.12 22.10
N ALA A 182 -15.97 -18.93 23.41
CA ALA A 182 -15.72 -20.02 24.35
C ALA A 182 -16.80 -21.10 24.30
N ASP A 183 -18.03 -20.71 24.00
CA ASP A 183 -19.12 -21.68 23.93
C ASP A 183 -19.21 -22.37 22.57
N THR A 184 -18.34 -22.00 21.62
CA THR A 184 -18.27 -22.73 20.35
C THR A 184 -17.09 -23.71 20.38
N LEU A 185 -16.26 -23.61 21.42
CA LEU A 185 -15.11 -24.50 21.56
C LEU A 185 -15.47 -25.81 22.27
N GLN A 186 -14.79 -26.88 21.87
CA GLN A 186 -14.89 -28.18 22.52
C GLN A 186 -13.72 -28.41 23.46
N PRO A 187 -13.88 -29.33 24.42
CA PRO A 187 -12.71 -29.83 25.14
C PRO A 187 -11.62 -30.21 24.16
N GLY A 188 -10.40 -29.72 24.38
CA GLY A 188 -9.29 -30.02 23.51
C GLY A 188 -8.97 -28.90 22.55
N ASP A 189 -9.95 -28.04 22.28
CA ASP A 189 -9.72 -26.85 21.45
C ASP A 189 -8.95 -25.80 22.24
N SER A 190 -8.34 -24.87 21.52
CA SER A 190 -7.52 -23.81 22.12
C SER A 190 -7.81 -22.47 21.46
N LEU A 191 -7.71 -21.39 22.23
CA LEU A 191 -7.74 -20.02 21.69
C LEU A 191 -6.36 -19.40 21.81
N LEU A 192 -5.86 -18.85 20.71
CA LEU A 192 -4.62 -18.05 20.73
C LEU A 192 -4.99 -16.60 20.51
N LEU A 193 -4.84 -15.79 21.55
CA LEU A 193 -5.31 -14.41 21.53
C LEU A 193 -4.18 -13.39 21.62
N GLY A 194 -4.12 -12.46 20.66
CA GLY A 194 -3.15 -11.39 20.70
C GLY A 194 -3.72 -10.14 21.34
N THR A 195 -2.99 -9.59 22.31
CA THR A 195 -3.38 -8.37 23.01
C THR A 195 -2.22 -7.40 23.15
N ASP A 196 -2.42 -6.18 22.67
CA ASP A 196 -1.44 -5.11 22.83
C ASP A 196 -1.51 -4.60 24.27
N LEU A 197 -0.36 -4.28 24.84
CA LEU A 197 -0.27 -4.01 26.28
C LEU A 197 0.00 -2.55 26.61
N VAL A 198 -0.45 -2.14 27.79
CA VAL A 198 -0.20 -0.80 28.27
C VAL A 198 1.31 -0.58 28.34
N LYS A 199 1.71 0.62 27.93
CA LYS A 199 3.12 0.98 27.80
C LYS A 199 3.21 2.50 27.80
N ASP A 200 4.40 3.03 27.50
CA ASP A 200 4.62 4.47 27.37
C ASP A 200 3.53 5.13 26.52
N THR A 201 2.88 6.15 27.04
CA THR A 201 1.73 6.72 26.34
C THR A 201 2.15 7.49 25.08
N GLY A 202 3.34 8.07 25.09
CA GLY A 202 3.88 8.68 23.88
C GLY A 202 4.03 7.69 22.73
N ARG A 203 4.58 6.52 23.04
CA ARG A 203 4.72 5.46 22.03
C ARG A 203 3.36 5.01 21.52
N LEU A 204 2.39 4.95 22.42
CA LEU A 204 1.05 4.56 22.03
C LEU A 204 0.43 5.56 21.06
N VAL A 205 0.47 6.83 21.43
CA VAL A 205 -0.17 7.84 20.59
C VAL A 205 0.52 7.90 19.23
N ARG A 206 1.85 7.82 19.20
CA ARG A 206 2.59 7.91 17.94
C ARG A 206 2.26 6.74 17.01
N ALA A 207 1.99 5.57 17.60
CA ALA A 207 1.62 4.40 16.80
C ALA A 207 0.34 4.63 16.00
N TYR A 208 -0.47 5.58 16.45
CA TYR A 208 -1.75 5.89 15.80
C TYR A 208 -1.78 7.30 15.21
N ASP A 209 -0.60 7.90 15.06
CA ASP A 209 -0.46 9.24 14.52
C ASP A 209 0.95 9.36 13.94
N ASP A 210 1.22 8.52 12.94
CA ASP A 210 2.55 8.38 12.39
C ASP A 210 3.02 9.62 11.63
N ALA A 211 4.33 9.75 11.54
CA ALA A 211 4.97 10.91 10.93
C ALA A 211 4.57 11.10 9.48
N ALA A 212 4.31 10.01 8.77
CA ALA A 212 4.05 10.06 7.33
C ALA A 212 2.59 10.41 6.98
N GLY A 213 1.70 10.36 7.96
CA GLY A 213 0.31 10.69 7.75
C GLY A 213 -0.53 9.53 7.23
N VAL A 214 0.01 8.32 7.23
CA VAL A 214 -0.71 7.19 6.67
C VAL A 214 -1.92 6.86 7.53
N THR A 215 -1.76 6.91 8.84
CA THR A 215 -2.91 6.61 9.70
C THR A 215 -4.00 7.67 9.52
N ALA A 216 -3.60 8.93 9.35
CA ALA A 216 -4.57 10.00 9.09
C ALA A 216 -5.37 9.73 7.82
N ALA A 217 -4.71 9.23 6.79
CA ALA A 217 -5.39 8.89 5.54
C ALA A 217 -6.38 7.75 5.74
N PHE A 218 -5.94 6.72 6.47
CA PHE A 218 -6.77 5.57 6.83
C PHE A 218 -8.06 6.00 7.55
N ASN A 219 -7.89 6.91 8.50
CA ASN A 219 -9.01 7.42 9.29
C ASN A 219 -9.97 8.25 8.43
N ARG A 220 -9.43 9.22 7.68
CA ARG A 220 -10.28 10.04 6.84
C ARG A 220 -10.98 9.26 5.74
N ASN A 221 -10.43 8.10 5.35
CA ASN A 221 -11.06 7.32 4.29
C ASN A 221 -12.44 6.81 4.67
N VAL A 222 -12.77 6.72 5.96
CA VAL A 222 -14.12 6.29 6.32
C VAL A 222 -15.13 7.34 5.82
N LEU A 223 -14.72 8.60 5.73
CA LEU A 223 -15.58 9.63 5.13
C LEU A 223 -15.77 9.40 3.63
N ALA A 224 -14.71 8.91 2.97
CA ALA A 224 -14.83 8.62 1.54
C ALA A 224 -15.75 7.45 1.29
N VAL A 225 -15.76 6.49 2.21
CA VAL A 225 -16.66 5.36 2.12
C VAL A 225 -18.11 5.84 2.23
N VAL A 226 -18.39 6.67 3.23
CA VAL A 226 -19.74 7.21 3.36
C VAL A 226 -20.11 8.05 2.14
N ASN A 227 -19.16 8.88 1.65
CA ASN A 227 -19.43 9.68 0.46
C ASN A 227 -19.85 8.83 -0.72
N ARG A 228 -19.09 7.78 -1.00
CA ARG A 228 -19.37 6.93 -2.14
C ARG A 228 -20.64 6.11 -1.96
N GLU A 229 -20.76 5.45 -0.81
CA GLU A 229 -21.83 4.48 -0.65
C GLU A 229 -23.17 5.12 -0.34
N LEU A 230 -23.16 6.27 0.34
CA LEU A 230 -24.42 6.90 0.77
C LEU A 230 -24.63 8.29 0.17
N SER A 231 -23.89 8.59 -0.90
CA SER A 231 -24.02 9.86 -1.63
C SER A 231 -23.91 11.06 -0.70
N ALA A 232 -22.82 11.10 0.05
CA ALA A 232 -22.58 12.19 0.99
C ALA A 232 -21.54 13.13 0.40
N ASP A 233 -21.37 14.30 1.01
CA ASP A 233 -20.40 15.28 0.54
C ASP A 233 -19.44 15.78 1.63
N PHE A 234 -18.95 14.86 2.47
CA PHE A 234 -17.85 15.16 3.37
C PHE A 234 -16.69 15.74 2.59
N ASP A 235 -16.16 16.85 3.08
CA ASP A 235 -14.93 17.41 2.55
C ASP A 235 -13.78 16.86 3.41
N LEU A 236 -13.05 15.88 2.88
CA LEU A 236 -12.02 15.19 3.69
C LEU A 236 -10.94 16.14 4.18
N ASP A 237 -10.66 17.19 3.42
CA ASP A 237 -9.62 18.14 3.80
C ASP A 237 -10.02 18.96 5.02
N ALA A 238 -11.32 18.99 5.32
CA ALA A 238 -11.83 19.81 6.41
C ALA A 238 -11.77 19.10 7.76
N PHE A 239 -11.30 17.87 7.77
CA PHE A 239 -11.25 17.08 9.00
C PHE A 239 -9.82 16.71 9.39
N GLU A 240 -9.48 17.03 10.63
CA GLU A 240 -8.15 16.76 11.18
C GLU A 240 -8.12 15.41 11.88
N HIS A 241 -7.05 14.66 11.67
CA HIS A 241 -6.84 13.39 12.35
C HIS A 241 -6.33 13.65 13.77
N VAL A 242 -6.98 13.04 14.76
CA VAL A 242 -6.59 13.20 16.15
C VAL A 242 -6.52 11.83 16.83
N ALA A 243 -5.37 11.50 17.41
CA ALA A 243 -5.20 10.29 18.21
C ALA A 243 -5.07 10.69 19.67
N LYS A 244 -5.85 10.07 20.54
CA LYS A 244 -5.84 10.35 21.97
C LYS A 244 -5.57 9.09 22.80
N TRP A 245 -4.85 9.26 23.90
CA TRP A 245 -4.80 8.26 24.95
C TRP A 245 -5.83 8.59 26.02
N ASN A 246 -6.75 7.67 26.24
CA ASN A 246 -7.75 7.77 27.29
C ASN A 246 -7.26 6.99 28.50
N SER A 247 -6.76 7.70 29.51
CA SER A 247 -6.13 7.04 30.65
C SER A 247 -7.15 6.35 31.54
N ASP A 248 -8.38 6.84 31.56
CA ASP A 248 -9.43 6.23 32.41
C ASP A 248 -9.86 4.86 31.90
N GLU A 249 -9.94 4.73 30.58
CA GLU A 249 -10.37 3.49 29.94
C GLU A 249 -9.18 2.68 29.41
N GLU A 250 -7.99 3.27 29.49
CA GLU A 250 -6.74 2.70 29.00
C GLU A 250 -6.90 2.19 27.57
N ARG A 251 -7.30 3.11 26.71
CA ARG A 251 -7.46 2.83 25.30
C ARG A 251 -7.00 3.99 24.46
N ILE A 252 -6.47 3.67 23.29
CA ILE A 252 -6.25 4.66 22.25
C ILE A 252 -7.59 4.94 21.58
N GLU A 253 -7.78 6.19 21.18
CA GLU A 253 -8.96 6.60 20.42
C GLU A 253 -8.54 7.35 19.16
N MET A 254 -9.19 7.06 18.04
CA MET A 254 -9.04 7.89 16.83
C MET A 254 -10.28 8.75 16.66
N TRP A 255 -10.06 10.03 16.38
CA TRP A 255 -11.12 10.99 16.18
C TRP A 255 -10.90 11.75 14.89
N LEU A 256 -11.98 12.28 14.33
CA LEU A 256 -11.89 13.25 13.25
C LEU A 256 -12.48 14.56 13.73
N ARG A 257 -11.72 15.63 13.57
CA ARG A 257 -12.07 16.95 14.13
C ARG A 257 -12.33 17.96 13.01
N ALA A 258 -13.51 18.55 12.99
CA ALA A 258 -13.83 19.54 11.97
C ALA A 258 -13.01 20.83 12.17
N ARG A 259 -12.28 21.25 11.14
CA ARG A 259 -11.45 22.46 11.20
C ARG A 259 -12.33 23.70 11.33
N THR A 260 -13.42 23.69 10.58
CA THR A 260 -14.39 24.77 10.54
C THR A 260 -15.76 24.13 10.51
N ALA A 261 -16.81 24.92 10.73
CA ALA A 261 -18.17 24.39 10.65
C ALA A 261 -18.40 23.71 9.29
N GLN A 262 -18.96 22.50 9.33
CA GLN A 262 -19.27 21.75 8.11
C GLN A 262 -20.74 21.37 8.08
N HIS A 263 -21.30 21.38 6.88
CA HIS A 263 -22.69 20.97 6.67
C HIS A 263 -22.67 19.84 5.66
N VAL A 264 -23.06 18.65 6.10
CA VAL A 264 -22.90 17.43 5.32
C VAL A 264 -24.25 16.82 4.98
N ARG A 265 -24.54 16.63 3.69
CA ARG A 265 -25.78 15.95 3.32
C ARG A 265 -25.48 14.54 2.93
N VAL A 266 -26.18 13.61 3.56
CA VAL A 266 -26.03 12.20 3.30
C VAL A 266 -27.28 11.83 2.54
N ALA A 267 -27.22 12.04 1.23
CA ALA A 267 -28.43 12.03 0.42
C ALA A 267 -29.16 10.69 0.46
N ALA A 268 -28.41 9.59 0.53
CA ALA A 268 -29.03 8.27 0.52
C ALA A 268 -29.85 8.03 1.78
N LEU A 269 -29.50 8.73 2.86
CA LEU A 269 -30.26 8.65 4.12
C LEU A 269 -31.26 9.79 4.29
N ASP A 270 -31.38 10.65 3.28
CA ASP A 270 -32.22 11.85 3.36
C ASP A 270 -31.93 12.61 4.64
N LEU A 271 -30.65 12.85 4.88
CA LEU A 271 -30.17 13.33 6.17
C LEU A 271 -29.17 14.46 5.99
N GLU A 272 -29.37 15.55 6.72
CA GLU A 272 -28.38 16.64 6.79
C GLU A 272 -27.79 16.67 8.19
N VAL A 273 -26.47 16.75 8.23
CA VAL A 273 -25.70 16.65 9.46
C VAL A 273 -24.78 17.85 9.56
N ASP A 274 -24.81 18.53 10.69
CA ASP A 274 -23.95 19.69 10.93
C ASP A 274 -22.82 19.35 11.89
N PHE A 275 -21.63 19.84 11.57
CA PHE A 275 -20.47 19.80 12.47
C PHE A 275 -20.10 21.22 12.86
N ALA A 276 -19.97 21.48 14.16
CA ALA A 276 -19.46 22.75 14.64
C ALA A 276 -17.95 22.82 14.41
N ALA A 277 -17.40 24.02 14.27
CA ALA A 277 -15.95 24.18 14.25
C ALA A 277 -15.37 23.52 15.52
N GLY A 278 -14.41 22.63 15.34
CA GLY A 278 -13.75 21.97 16.46
C GLY A 278 -14.47 20.72 16.95
N GLU A 279 -15.63 20.43 16.40
CA GLU A 279 -16.38 19.25 16.82
C GLU A 279 -15.65 17.97 16.40
N GLU A 280 -15.61 17.01 17.31
CA GLU A 280 -14.89 15.76 17.08
C GLU A 280 -15.84 14.58 17.00
N MET A 281 -15.50 13.65 16.12
CA MET A 281 -16.27 12.43 15.91
C MET A 281 -15.38 11.21 16.13
N LEU A 282 -15.82 10.27 16.95
CA LEU A 282 -15.04 9.09 17.32
C LEU A 282 -15.13 8.01 16.24
N THR A 283 -14.01 7.58 15.71
CA THR A 283 -14.02 6.57 14.65
C THR A 283 -13.43 5.22 15.05
N GLU A 284 -12.70 5.17 16.15
CA GLU A 284 -12.11 3.90 16.58
C GLU A 284 -11.63 3.96 18.03
N VAL A 285 -11.78 2.86 18.76
CA VAL A 285 -11.07 2.69 20.02
C VAL A 285 -10.15 1.49 19.86
N SER A 286 -9.02 1.54 20.54
CA SER A 286 -8.07 0.44 20.56
C SER A 286 -7.63 0.22 22.00
N CYS A 287 -8.36 -0.64 22.70
CA CYS A 287 -8.09 -0.88 24.12
C CYS A 287 -6.73 -1.56 24.29
N LYS A 288 -6.03 -1.18 25.35
CA LYS A 288 -4.72 -1.75 25.66
C LYS A 288 -4.84 -2.48 26.99
N PHE A 289 -4.10 -3.57 27.13
CA PHE A 289 -4.34 -4.52 28.20
C PHE A 289 -3.20 -4.61 29.20
N ARG A 290 -3.54 -5.02 30.41
CA ARG A 290 -2.56 -5.38 31.43
C ARG A 290 -2.53 -6.89 31.53
N PRO A 291 -1.33 -7.50 31.66
CA PRO A 291 -1.26 -8.96 31.66
C PRO A 291 -2.19 -9.65 32.66
N GLU A 292 -2.26 -9.13 33.87
CA GLU A 292 -3.11 -9.73 34.89
C GLU A 292 -4.60 -9.69 34.49
N ASN A 293 -4.99 -8.66 33.74
CA ASN A 293 -6.39 -8.50 33.36
C ASN A 293 -6.76 -9.37 32.18
N VAL A 294 -5.79 -9.71 31.34
CA VAL A 294 -6.05 -10.64 30.27
C VAL A 294 -6.47 -11.98 30.86
N VAL A 295 -5.75 -12.43 31.88
CA VAL A 295 -6.07 -13.68 32.55
C VAL A 295 -7.51 -13.68 33.05
N ALA A 296 -7.88 -12.56 33.68
CA ALA A 296 -9.20 -12.41 34.27
C ALA A 296 -10.30 -12.39 33.21
N GLU A 297 -10.08 -11.69 32.10
CA GLU A 297 -11.10 -11.61 31.06
C GLU A 297 -11.32 -12.98 30.43
N LEU A 298 -10.24 -13.72 30.23
CA LEU A 298 -10.37 -15.07 29.70
C LEU A 298 -11.15 -15.96 30.69
N ALA A 299 -10.81 -15.88 31.97
CA ALA A 299 -11.47 -16.69 33.00
C ALA A 299 -12.97 -16.40 33.06
N GLU A 300 -13.33 -15.14 32.94
CA GLU A 300 -14.73 -14.73 32.99
C GLU A 300 -15.50 -15.28 31.77
N ALA A 301 -14.79 -15.50 30.67
CA ALA A 301 -15.38 -16.06 29.46
C ALA A 301 -15.46 -17.58 29.51
N GLY A 302 -14.89 -18.18 30.55
CA GLY A 302 -14.88 -19.62 30.70
C GLY A 302 -13.64 -20.28 30.16
N LEU A 303 -12.56 -19.52 29.99
CA LEU A 303 -11.32 -20.05 29.44
C LEU A 303 -10.15 -19.91 30.42
N ARG A 304 -9.32 -20.94 30.51
CA ARG A 304 -8.15 -20.93 31.38
C ARG A 304 -6.89 -20.64 30.57
N GLN A 305 -6.20 -19.54 30.88
CA GLN A 305 -4.94 -19.24 30.21
C GLN A 305 -3.88 -20.27 30.66
N THR A 306 -3.36 -21.05 29.72
CA THR A 306 -2.37 -22.06 30.04
C THR A 306 -0.96 -21.59 29.65
N HIS A 307 -0.88 -20.64 28.73
CA HIS A 307 0.40 -20.09 28.28
C HIS A 307 0.29 -18.61 28.00
N TRP A 308 1.39 -17.92 28.25
CA TRP A 308 1.52 -16.49 28.03
C TRP A 308 2.89 -16.23 27.45
N TRP A 309 2.93 -15.57 26.29
CA TRP A 309 4.18 -15.18 25.65
C TRP A 309 4.20 -13.68 25.47
N THR A 310 5.35 -13.07 25.75
CA THR A 310 5.49 -11.63 25.57
C THR A 310 6.91 -11.35 25.06
N ASP A 311 7.08 -10.28 24.28
CA ASP A 311 8.40 -9.85 23.85
C ASP A 311 9.19 -9.34 25.07
N PRO A 312 10.52 -9.32 24.98
CA PRO A 312 11.35 -8.90 26.13
C PRO A 312 11.00 -7.51 26.67
N ALA A 313 10.48 -6.62 25.82
CA ALA A 313 10.11 -5.27 26.27
C ALA A 313 8.73 -5.23 26.91
N GLY A 314 7.97 -6.32 26.79
CA GLY A 314 6.63 -6.36 27.35
C GLY A 314 5.65 -5.50 26.58
N ASP A 315 5.92 -5.29 25.29
CA ASP A 315 5.06 -4.47 24.46
C ASP A 315 3.75 -5.15 24.05
N PHE A 316 3.78 -6.47 23.90
CA PHE A 316 2.69 -7.20 23.29
C PHE A 316 2.59 -8.58 23.93
N GLY A 317 1.38 -9.14 24.00
CA GLY A 317 1.18 -10.44 24.60
C GLY A 317 0.35 -11.39 23.77
N LEU A 318 0.70 -12.66 23.83
CA LEU A 318 -0.08 -13.75 23.25
C LEU A 318 -0.47 -14.75 24.34
N SER A 319 -1.76 -15.05 24.40
CA SER A 319 -2.30 -16.02 25.35
C SER A 319 -2.76 -17.26 24.62
N LEU A 320 -2.47 -18.43 25.18
CA LEU A 320 -3.16 -19.66 24.78
C LEU A 320 -4.12 -20.01 25.91
N ALA A 321 -5.38 -20.25 25.57
CA ALA A 321 -6.38 -20.57 26.57
C ALA A 321 -7.27 -21.73 26.14
N VAL A 322 -7.73 -22.50 27.12
CA VAL A 322 -8.56 -23.68 26.88
C VAL A 322 -9.82 -23.67 27.73
N ARG A 323 -10.81 -24.48 27.35
CA ARG A 323 -11.99 -24.70 28.19
C ARG A 323 -11.57 -25.18 29.57
N GLY B 1 24.61 -25.58 -15.05
CA GLY B 1 25.43 -24.35 -14.82
C GLY B 1 24.81 -23.12 -15.48
N HIS B 2 24.25 -22.25 -14.65
CA HIS B 2 23.62 -21.04 -15.15
C HIS B 2 24.47 -19.80 -14.87
N MET B 3 24.25 -18.78 -15.69
CA MET B 3 24.95 -17.51 -15.62
C MET B 3 24.71 -16.81 -14.29
N ALA B 4 25.79 -16.47 -13.58
CA ALA B 4 25.66 -15.70 -12.36
C ALA B 4 25.05 -14.33 -12.65
N LEU B 5 24.29 -13.81 -11.70
CA LEU B 5 23.77 -12.45 -11.80
C LEU B 5 24.90 -11.45 -11.66
N SER B 6 24.74 -10.30 -12.31
CA SER B 6 25.69 -9.19 -12.21
C SER B 6 24.95 -7.92 -11.79
N LEU B 7 25.57 -7.18 -10.87
CA LEU B 7 25.13 -5.84 -10.51
C LEU B 7 26.34 -4.92 -10.57
N ALA B 8 26.24 -3.87 -11.40
CA ALA B 8 27.29 -2.85 -11.51
C ALA B 8 26.74 -1.56 -10.90
N ASN B 9 27.50 -0.97 -9.96
CA ASN B 9 27.04 0.21 -9.24
C ASN B 9 27.92 1.41 -9.54
N TYR B 10 27.30 2.50 -9.97
CA TYR B 10 28.03 3.70 -10.36
C TYR B 10 27.80 4.88 -9.42
N LEU B 11 26.96 4.66 -8.41
CA LEU B 11 26.64 5.69 -7.42
C LEU B 11 27.51 5.61 -6.17
N ALA B 12 28.00 6.75 -5.70
CA ALA B 12 28.74 6.81 -4.45
C ALA B 12 27.79 6.60 -3.28
N ALA B 13 28.34 6.18 -2.14
CA ALA B 13 27.52 5.79 -0.98
C ALA B 13 26.60 6.91 -0.53
N ASP B 14 27.04 8.16 -0.70
CA ASP B 14 26.29 9.30 -0.19
C ASP B 14 25.67 10.16 -1.30
N SER B 15 25.55 9.61 -2.51
CA SER B 15 25.03 10.41 -3.61
C SER B 15 23.58 10.84 -3.38
N ALA B 16 22.74 9.92 -2.89
CA ALA B 16 21.34 10.24 -2.64
C ALA B 16 21.18 11.28 -1.53
N ALA B 17 21.91 11.09 -0.43
CA ALA B 17 21.84 12.01 0.70
C ALA B 17 22.28 13.40 0.27
N GLU B 18 23.35 13.47 -0.51
CA GLU B 18 23.88 14.76 -0.96
C GLU B 18 22.93 15.42 -1.94
N ALA B 19 22.33 14.62 -2.82
CA ALA B 19 21.38 15.16 -3.80
C ALA B 19 20.16 15.74 -3.09
N LEU B 20 19.69 15.07 -2.04
CA LEU B 20 18.54 15.58 -1.29
C LEU B 20 18.85 16.92 -0.65
N ARG B 21 20.00 17.00 0.02
CA ARG B 21 20.44 18.25 0.64
C ARG B 21 20.44 19.38 -0.39
N ARG B 22 20.99 19.09 -1.55
CA ARG B 22 21.09 20.08 -2.61
C ARG B 22 19.72 20.49 -3.15
N ASP B 23 18.88 19.50 -3.43
CA ASP B 23 17.55 19.77 -3.98
C ASP B 23 16.66 20.56 -3.03
N VAL B 24 16.70 20.21 -1.75
CA VAL B 24 15.85 20.87 -0.77
C VAL B 24 16.29 22.31 -0.54
N ARG B 25 17.60 22.55 -0.50
CA ARG B 25 18.07 23.91 -0.30
C ARG B 25 17.61 24.78 -1.45
N ALA B 26 17.82 24.32 -2.67
CA ALA B 26 17.46 25.10 -3.85
C ALA B 26 15.95 25.30 -3.93
N GLY B 27 15.22 24.20 -3.74
CA GLY B 27 13.78 24.21 -3.88
C GLY B 27 13.05 25.10 -2.88
N LEU B 28 13.49 25.08 -1.63
CA LEU B 28 12.83 25.85 -0.58
C LEU B 28 13.27 27.31 -0.53
N THR B 29 14.41 27.63 -1.12
CA THR B 29 14.89 29.01 -1.10
C THR B 29 14.50 29.76 -2.38
N ALA B 30 14.02 29.04 -3.39
CA ALA B 30 13.53 29.66 -4.61
C ALA B 30 12.31 30.51 -4.31
N THR B 31 12.12 31.58 -5.09
CA THR B 31 10.98 32.47 -4.89
C THR B 31 9.69 31.70 -5.12
N GLN B 32 9.68 30.86 -6.16
CA GLN B 32 8.65 29.85 -6.33
C GLN B 32 9.17 28.55 -5.76
N LYS B 33 8.70 28.19 -4.56
CA LYS B 33 9.19 26.99 -3.89
C LYS B 33 8.80 25.73 -4.64
N SER B 34 9.67 24.73 -4.60
CA SER B 34 9.37 23.45 -5.23
C SER B 34 10.22 22.36 -4.58
N LEU B 35 9.85 21.10 -4.83
CA LEU B 35 10.66 19.96 -4.45
C LEU B 35 10.57 18.95 -5.59
N PRO B 36 11.68 18.28 -5.93
CA PRO B 36 11.63 17.28 -7.00
C PRO B 36 10.83 16.03 -6.61
N PRO B 37 10.02 15.49 -7.53
CA PRO B 37 9.18 14.33 -7.21
C PRO B 37 9.93 13.02 -6.98
N LYS B 38 11.21 12.94 -7.35
CA LYS B 38 11.95 11.70 -7.11
C LYS B 38 11.96 11.38 -5.61
N TRP B 39 11.81 12.39 -4.77
CA TRP B 39 11.87 12.20 -3.32
C TRP B 39 10.54 11.69 -2.73
N PHE B 40 9.50 11.57 -3.56
CA PHE B 40 8.26 10.90 -3.14
C PHE B 40 8.51 9.44 -2.77
N TYR B 41 9.55 8.83 -3.33
CA TYR B 41 9.63 7.37 -3.39
C TYR B 41 10.57 6.75 -2.36
N ASP B 42 10.42 7.14 -1.08
CA ASP B 42 11.02 6.38 0.00
C ASP B 42 10.16 5.14 0.20
N ALA B 43 10.40 4.37 1.24
CA ALA B 43 9.67 3.11 1.43
C ALA B 43 8.16 3.36 1.56
N VAL B 44 7.79 4.34 2.37
CA VAL B 44 6.39 4.67 2.60
C VAL B 44 5.75 5.20 1.33
N GLY B 45 6.43 6.12 0.66
CA GLY B 45 5.90 6.73 -0.54
C GLY B 45 5.75 5.76 -1.69
N SER B 46 6.67 4.82 -1.83
CA SER B 46 6.55 3.81 -2.88
C SER B 46 5.33 2.93 -2.66
N ASP B 47 5.05 2.62 -1.40
CA ASP B 47 3.87 1.84 -1.04
C ASP B 47 2.60 2.63 -1.37
N LEU B 48 2.61 3.91 -1.05
CA LEU B 48 1.49 4.77 -1.39
C LEU B 48 1.29 4.84 -2.90
N PHE B 49 2.38 4.95 -3.65
CA PHE B 49 2.24 4.96 -5.11
C PHE B 49 1.68 3.65 -5.63
N ASP B 50 2.10 2.53 -5.07
CA ASP B 50 1.55 1.23 -5.44
C ASP B 50 0.04 1.23 -5.25
N GLN B 51 -0.42 1.80 -4.14
CA GLN B 51 -1.85 1.88 -3.91
C GLN B 51 -2.51 2.80 -4.95
N ILE B 52 -1.84 3.89 -5.31
CA ILE B 52 -2.38 4.82 -6.31
C ILE B 52 -2.68 4.07 -7.61
N THR B 53 -1.83 3.12 -7.98
CA THR B 53 -2.03 2.39 -9.25
C THR B 53 -3.33 1.58 -9.26
N ARG B 54 -3.95 1.43 -8.09
CA ARG B 54 -5.18 0.65 -7.97
C ARG B 54 -6.42 1.51 -7.69
N LEU B 55 -6.25 2.82 -7.64
CA LEU B 55 -7.39 3.72 -7.41
C LEU B 55 -8.30 3.77 -8.64
N PRO B 56 -9.63 3.85 -8.43
CA PRO B 56 -10.50 3.91 -9.61
C PRO B 56 -10.20 5.12 -10.50
N GLU B 57 -9.86 6.26 -9.90
CA GLU B 57 -9.59 7.48 -10.66
C GLU B 57 -8.28 7.45 -11.43
N TYR B 58 -7.32 6.67 -10.97
CA TYR B 58 -5.98 6.67 -11.58
C TYR B 58 -5.92 5.59 -12.65
N TYR B 59 -6.35 5.95 -13.85
CA TYR B 59 -6.43 5.04 -14.99
C TYR B 59 -5.08 4.65 -15.64
N PRO B 60 -4.00 5.48 -15.51
CA PRO B 60 -2.84 5.15 -16.35
C PRO B 60 -2.22 3.75 -16.23
N THR B 61 -2.05 3.24 -15.01
CA THR B 61 -1.36 1.97 -14.83
C THR B 61 -2.14 0.82 -15.46
N ARG B 62 -3.41 0.71 -15.14
CA ARG B 62 -4.22 -0.39 -15.65
C ARG B 62 -4.43 -0.28 -17.16
N THR B 63 -4.53 0.95 -17.65
CA THR B 63 -4.72 1.16 -19.09
C THR B 63 -3.48 0.72 -19.87
N GLU B 64 -2.30 1.13 -19.40
CA GLU B 64 -1.06 0.72 -20.04
C GLU B 64 -0.91 -0.78 -19.98
N ALA B 65 -1.30 -1.36 -18.83
CA ALA B 65 -1.19 -2.80 -18.63
C ALA B 65 -2.07 -3.55 -19.62
N GLN B 66 -3.26 -3.02 -19.90
CA GLN B 66 -4.15 -3.71 -20.82
C GLN B 66 -3.60 -3.69 -22.25
N ILE B 67 -2.99 -2.57 -22.63
CA ILE B 67 -2.37 -2.47 -23.96
C ILE B 67 -1.26 -3.51 -24.07
N LEU B 68 -0.45 -3.62 -23.02
CA LEU B 68 0.66 -4.58 -23.00
C LEU B 68 0.16 -6.00 -23.04
N ARG B 69 -0.90 -6.28 -22.30
CA ARG B 69 -1.53 -7.59 -22.33
C ARG B 69 -1.90 -7.96 -23.76
N THR B 70 -2.46 -7.00 -24.48
CA THR B 70 -2.96 -7.18 -25.83
C THR B 70 -1.87 -7.20 -26.90
N ARG B 71 -0.81 -6.42 -26.70
CA ARG B 71 0.17 -6.16 -27.76
C ARG B 71 1.57 -6.70 -27.52
N SER B 72 1.82 -7.33 -26.37
CA SER B 72 3.16 -7.78 -26.02
C SER B 72 3.78 -8.69 -27.10
N ALA B 73 2.99 -9.60 -27.65
CA ALA B 73 3.47 -10.47 -28.73
C ALA B 73 3.90 -9.64 -29.95
N GLU B 74 3.07 -8.69 -30.34
CA GLU B 74 3.36 -7.82 -31.48
C GLU B 74 4.60 -6.98 -31.23
N ILE B 75 4.73 -6.47 -30.01
CA ILE B 75 5.87 -5.66 -29.64
C ILE B 75 7.17 -6.45 -29.77
N ILE B 76 7.18 -7.63 -29.17
CA ILE B 76 8.35 -8.50 -29.19
C ILE B 76 8.68 -8.94 -30.62
N SER B 77 7.67 -9.20 -31.42
CA SER B 77 7.87 -9.58 -32.82
C SER B 77 8.50 -8.43 -33.63
N ALA B 78 7.99 -7.22 -33.43
CA ALA B 78 8.49 -6.05 -34.13
C ALA B 78 9.91 -5.71 -33.69
N ALA B 79 10.19 -5.84 -32.39
CA ALA B 79 11.50 -5.49 -31.88
C ALA B 79 12.57 -6.47 -32.32
N GLY B 80 12.24 -7.76 -32.34
CA GLY B 80 13.22 -8.79 -32.69
C GLY B 80 14.36 -8.86 -31.68
N ALA B 81 14.12 -8.36 -30.48
CA ALA B 81 15.15 -8.22 -29.46
C ALA B 81 15.34 -9.49 -28.62
N ASP B 82 16.58 -9.73 -28.17
CA ASP B 82 16.87 -10.82 -27.24
C ASP B 82 17.20 -10.30 -25.83
N THR B 83 17.22 -8.98 -25.69
CA THR B 83 17.65 -8.32 -24.46
C THR B 83 16.65 -7.24 -24.08
N LEU B 84 16.09 -7.34 -22.87
CA LEU B 84 15.16 -6.34 -22.36
C LEU B 84 15.87 -5.43 -21.38
N VAL B 85 15.86 -4.13 -21.68
CA VAL B 85 16.43 -3.12 -20.80
C VAL B 85 15.27 -2.35 -20.20
N GLU B 86 15.20 -2.32 -18.87
CA GLU B 86 14.13 -1.60 -18.19
CA GLU B 86 14.14 -1.62 -18.18
C GLU B 86 14.67 -0.40 -17.44
N LEU B 87 14.14 0.77 -17.79
CA LEU B 87 14.49 1.99 -17.09
C LEU B 87 13.53 2.02 -15.92
N GLY B 88 13.94 1.38 -14.84
CA GLY B 88 13.03 0.96 -13.77
C GLY B 88 13.56 -0.30 -13.09
N SER B 89 12.86 -0.77 -12.06
CA SER B 89 13.43 -1.77 -11.14
C SER B 89 13.21 -3.25 -11.52
N GLY B 90 12.21 -3.54 -12.36
CA GLY B 90 11.94 -4.91 -12.77
C GLY B 90 10.99 -5.62 -11.82
N THR B 91 10.18 -4.85 -11.10
CA THR B 91 9.32 -5.38 -10.05
C THR B 91 7.88 -5.60 -10.50
N SER B 92 7.55 -5.11 -11.69
CA SER B 92 6.15 -5.01 -12.11
C SER B 92 5.65 -6.21 -12.92
N GLU B 93 4.33 -6.32 -13.00
CA GLU B 93 3.68 -7.30 -13.87
C GLU B 93 3.98 -6.98 -15.33
N LYS B 94 4.11 -5.70 -15.65
CA LYS B 94 4.37 -5.29 -17.03
C LYS B 94 5.72 -5.83 -17.53
N THR B 95 6.74 -5.80 -16.67
CA THR B 95 8.04 -6.35 -17.01
C THR B 95 7.88 -7.81 -17.40
N ARG B 96 7.08 -8.54 -16.63
CA ARG B 96 6.90 -9.96 -16.86
C ARG B 96 6.08 -10.26 -18.12
N MET B 97 5.15 -9.38 -18.50
CA MET B 97 4.44 -9.55 -19.77
C MET B 97 5.41 -9.55 -20.93
N LEU B 98 6.36 -8.62 -20.89
CA LEU B 98 7.34 -8.47 -21.95
C LEU B 98 8.34 -9.64 -21.94
N LEU B 99 8.84 -10.00 -20.75
CA LEU B 99 9.75 -11.13 -20.66
C LEU B 99 9.06 -12.44 -21.08
N ASP B 100 7.81 -12.64 -20.66
CA ASP B 100 7.04 -13.82 -21.09
C ASP B 100 6.91 -13.87 -22.61
N ALA B 101 6.65 -12.72 -23.23
CA ALA B 101 6.50 -12.68 -24.68
C ALA B 101 7.81 -13.00 -25.39
N MET B 102 8.90 -12.47 -24.86
CA MET B 102 10.22 -12.73 -25.42
CA MET B 102 10.23 -12.71 -25.43
C MET B 102 10.60 -14.19 -25.29
N ARG B 103 10.23 -14.79 -24.16
CA ARG B 103 10.48 -16.20 -23.94
CA ARG B 103 10.47 -16.20 -23.92
C ARG B 103 9.67 -17.03 -24.92
N ASP B 104 8.39 -16.72 -25.06
CA ASP B 104 7.51 -17.45 -25.97
C ASP B 104 7.96 -17.36 -27.43
N ALA B 105 8.59 -16.26 -27.81
CA ALA B 105 9.11 -16.08 -29.17
C ALA B 105 10.48 -16.75 -29.33
N GLU B 106 10.97 -17.33 -28.25
CA GLU B 106 12.27 -18.03 -28.20
C GLU B 106 13.44 -17.08 -28.46
N LEU B 107 13.30 -15.83 -28.00
CA LEU B 107 14.32 -14.80 -28.20
C LEU B 107 15.05 -14.44 -26.92
N LEU B 108 14.39 -14.62 -25.78
CA LEU B 108 14.88 -14.07 -24.51
C LEU B 108 16.24 -14.64 -24.09
N ARG B 109 17.21 -13.75 -23.91
CA ARG B 109 18.52 -14.14 -23.41
C ARG B 109 18.94 -13.34 -22.16
N ARG B 110 18.48 -12.09 -22.06
CA ARG B 110 19.11 -11.13 -21.16
C ARG B 110 18.13 -10.09 -20.60
N PHE B 111 18.29 -9.74 -19.33
CA PHE B 111 17.50 -8.68 -18.71
C PHE B 111 18.45 -7.68 -18.05
N ILE B 112 18.22 -6.41 -18.31
CA ILE B 112 19.07 -5.33 -17.84
C ILE B 112 18.23 -4.26 -17.16
N PRO B 113 17.98 -4.42 -15.86
CA PRO B 113 17.26 -3.39 -15.11
C PRO B 113 18.19 -2.26 -14.69
N PHE B 114 17.72 -1.03 -14.83
CA PHE B 114 18.50 0.17 -14.55
C PHE B 114 17.72 0.99 -13.54
N ASP B 115 18.31 1.26 -12.38
CA ASP B 115 17.59 1.99 -11.35
CA ASP B 115 17.60 2.03 -11.36
C ASP B 115 18.57 2.58 -10.34
N VAL B 116 18.07 3.42 -9.44
CA VAL B 116 18.95 4.10 -8.49
C VAL B 116 19.14 3.36 -7.15
N ASP B 117 18.32 2.35 -6.89
CA ASP B 117 18.34 1.65 -5.60
C ASP B 117 18.92 0.24 -5.71
N ALA B 118 20.15 0.06 -5.23
CA ALA B 118 20.85 -1.21 -5.40
C ALA B 118 20.10 -2.37 -4.72
N GLY B 119 19.47 -2.10 -3.58
CA GLY B 119 18.72 -3.12 -2.88
C GLY B 119 17.54 -3.64 -3.68
N VAL B 120 16.82 -2.72 -4.30
CA VAL B 120 15.69 -3.09 -5.14
C VAL B 120 16.17 -3.92 -6.32
N LEU B 121 17.28 -3.51 -6.93
CA LEU B 121 17.86 -4.28 -8.04
C LEU B 121 18.28 -5.69 -7.63
N ARG B 122 18.85 -5.86 -6.43
CA ARG B 122 19.24 -7.19 -5.98
C ARG B 122 18.01 -8.10 -5.82
N SER B 123 16.95 -7.58 -5.22
CA SER B 123 15.72 -8.34 -5.04
CA SER B 123 15.75 -8.38 -5.03
C SER B 123 15.06 -8.68 -6.37
N ALA B 124 14.98 -7.67 -7.24
CA ALA B 124 14.35 -7.85 -8.54
C ALA B 124 15.11 -8.85 -9.41
N GLY B 125 16.44 -8.73 -9.43
CA GLY B 125 17.26 -9.65 -10.19
C GLY B 125 17.12 -11.09 -9.70
N ALA B 126 17.05 -11.27 -8.40
CA ALA B 126 16.89 -12.61 -7.84
C ALA B 126 15.57 -13.23 -8.31
N ALA B 127 14.50 -12.45 -8.27
CA ALA B 127 13.19 -12.95 -8.69
C ALA B 127 13.18 -13.33 -10.17
N ILE B 128 13.70 -12.46 -11.02
CA ILE B 128 13.71 -12.74 -12.45
C ILE B 128 14.61 -13.92 -12.76
N GLY B 129 15.75 -13.99 -12.06
CA GLY B 129 16.68 -15.09 -12.22
C GLY B 129 16.04 -16.44 -11.94
N ALA B 130 15.10 -16.45 -11.00
CA ALA B 130 14.40 -17.68 -10.64
C ALA B 130 13.24 -17.98 -11.61
N GLU B 131 12.58 -16.94 -12.09
CA GLU B 131 11.40 -17.10 -12.94
C GLU B 131 11.75 -17.44 -14.40
N TYR B 132 12.98 -17.13 -14.81
CA TYR B 132 13.45 -17.37 -16.18
C TYR B 132 14.82 -18.03 -16.12
N PRO B 133 14.85 -19.33 -15.75
CA PRO B 133 16.12 -20.01 -15.47
C PRO B 133 17.11 -19.90 -16.62
N GLY B 134 18.35 -19.53 -16.32
CA GLY B 134 19.37 -19.41 -17.34
C GLY B 134 19.55 -18.01 -17.90
N ILE B 135 18.58 -17.14 -17.64
CA ILE B 135 18.64 -15.77 -18.13
C ILE B 135 19.89 -15.05 -17.60
N GLU B 136 20.47 -14.21 -18.44
CA GLU B 136 21.56 -13.34 -18.03
C GLU B 136 21.02 -12.04 -17.49
N ILE B 137 21.31 -11.76 -16.23
CA ILE B 137 20.87 -10.53 -15.60
C ILE B 137 22.06 -9.62 -15.37
N ASP B 138 22.01 -8.45 -16.01
CA ASP B 138 23.02 -7.41 -15.85
C ASP B 138 22.35 -6.16 -15.30
N ALA B 139 22.26 -6.06 -13.98
CA ALA B 139 21.65 -4.91 -13.35
C ALA B 139 22.64 -3.76 -13.29
N VAL B 140 22.11 -2.55 -13.43
CA VAL B 140 22.91 -1.33 -13.40
C VAL B 140 22.32 -0.33 -12.43
N CYS B 141 23.10 0.02 -11.41
CA CYS B 141 22.69 1.01 -10.45
C CYS B 141 23.30 2.35 -10.83
N GLY B 142 22.45 3.29 -11.23
CA GLY B 142 22.90 4.60 -11.66
C GLY B 142 21.71 5.50 -11.90
N ASP B 143 21.96 6.76 -12.26
CA ASP B 143 20.86 7.70 -12.52
C ASP B 143 20.83 8.16 -13.98
N PHE B 144 19.67 8.65 -14.40
CA PHE B 144 19.45 9.04 -15.79
C PHE B 144 20.39 10.12 -16.29
N GLU B 145 20.75 11.04 -15.40
CA GLU B 145 21.50 12.23 -15.81
C GLU B 145 22.92 11.89 -16.24
N GLU B 146 23.48 10.83 -15.65
CA GLU B 146 24.90 10.57 -15.82
C GLU B 146 25.25 9.20 -16.40
N HIS B 147 24.40 8.19 -16.18
CA HIS B 147 24.83 6.79 -16.36
C HIS B 147 24.12 5.94 -17.41
N LEU B 148 23.34 6.54 -18.28
CA LEU B 148 22.68 5.77 -19.34
C LEU B 148 23.72 5.10 -20.23
N GLY B 149 24.89 5.72 -20.36
CA GLY B 149 25.98 5.16 -21.13
C GLY B 149 26.58 3.90 -20.54
N LYS B 150 26.23 3.59 -19.29
CA LYS B 150 26.77 2.41 -18.63
C LYS B 150 25.93 1.16 -18.90
N ILE B 151 24.75 1.33 -19.47
CA ILE B 151 23.94 0.18 -19.85
C ILE B 151 24.69 -0.59 -20.95
N PRO B 152 24.93 -1.90 -20.72
CA PRO B 152 25.69 -2.67 -21.70
C PRO B 152 25.10 -2.63 -23.11
N HIS B 153 25.98 -2.52 -24.10
CA HIS B 153 25.64 -2.61 -25.51
C HIS B 153 25.94 -4.04 -25.94
N VAL B 154 25.03 -4.93 -25.60
CA VAL B 154 25.19 -6.34 -25.91
C VAL B 154 23.86 -6.85 -26.39
N GLY B 155 23.89 -7.72 -27.40
CA GLY B 155 22.67 -8.28 -27.96
C GLY B 155 21.88 -7.28 -28.77
N ARG B 156 20.62 -7.62 -29.03
CA ARG B 156 19.69 -6.71 -29.68
C ARG B 156 18.71 -6.25 -28.63
N ARG B 157 18.69 -4.95 -28.33
CA ARG B 157 18.05 -4.47 -27.11
C ARG B 157 16.73 -3.72 -27.32
N LEU B 158 15.73 -4.14 -26.56
CA LEU B 158 14.46 -3.44 -26.42
C LEU B 158 14.50 -2.67 -25.11
N VAL B 159 14.55 -1.35 -25.21
CA VAL B 159 14.63 -0.49 -24.03
C VAL B 159 13.23 -0.03 -23.70
N VAL B 160 12.81 -0.19 -22.43
CA VAL B 160 11.44 0.22 -22.11
C VAL B 160 11.40 1.26 -21.01
N PHE B 161 10.51 2.23 -21.20
CA PHE B 161 10.30 3.31 -20.25
C PHE B 161 8.80 3.55 -20.16
N LEU B 162 8.18 2.89 -19.19
CA LEU B 162 6.72 2.83 -19.12
C LEU B 162 6.11 3.79 -18.08
N GLY B 163 4.78 3.84 -18.05
CA GLY B 163 4.03 4.57 -17.04
C GLY B 163 3.85 6.05 -17.29
N SER B 164 4.33 6.55 -18.42
CA SER B 164 4.33 7.99 -18.69
C SER B 164 5.22 8.73 -17.65
N THR B 165 6.19 8.03 -17.09
CA THR B 165 7.18 8.67 -16.20
C THR B 165 7.96 9.75 -16.96
N ILE B 166 8.06 9.60 -18.27
CA ILE B 166 8.70 10.62 -19.10
C ILE B 166 7.96 11.95 -18.95
N GLY B 167 6.69 11.87 -18.57
CA GLY B 167 5.87 13.05 -18.38
C GLY B 167 6.26 13.89 -17.17
N ASN B 168 7.10 13.35 -16.29
CA ASN B 168 7.59 14.10 -15.14
C ASN B 168 8.69 15.08 -15.53
N LEU B 169 9.21 14.92 -16.75
CA LEU B 169 10.19 15.83 -17.32
C LEU B 169 9.51 16.94 -18.13
N THR B 170 9.80 18.20 -17.80
CA THR B 170 9.34 19.32 -18.62
C THR B 170 10.09 19.25 -19.96
N PRO B 171 9.61 20.01 -20.98
CA PRO B 171 10.06 19.80 -22.37
C PRO B 171 11.58 19.84 -22.61
N ALA B 172 12.32 20.77 -22.01
CA ALA B 172 13.75 20.86 -22.30
C ALA B 172 14.51 19.66 -21.71
N PRO B 173 14.32 19.38 -20.40
CA PRO B 173 14.98 18.19 -19.87
C PRO B 173 14.47 16.89 -20.49
N ARG B 174 13.23 16.90 -20.95
CA ARG B 174 12.67 15.73 -21.61
C ARG B 174 13.37 15.47 -22.93
N ALA B 175 13.57 16.52 -23.73
CA ALA B 175 14.26 16.38 -25.01
C ALA B 175 15.70 15.93 -24.81
N GLU B 176 16.35 16.50 -23.79
CA GLU B 176 17.72 16.13 -23.46
C GLU B 176 17.81 14.66 -23.09
N PHE B 177 16.88 14.20 -22.26
CA PHE B 177 16.84 12.80 -21.86
C PHE B 177 16.64 11.88 -23.07
N LEU B 178 15.65 12.17 -23.90
CA LEU B 178 15.39 11.33 -25.07
C LEU B 178 16.57 11.32 -26.03
N SER B 179 17.21 12.47 -26.20
CA SER B 179 18.37 12.56 -27.08
C SER B 179 19.54 11.73 -26.54
N THR B 180 19.78 11.85 -25.24
CA THR B 180 20.85 11.10 -24.59
C THR B 180 20.59 9.60 -24.72
N LEU B 181 19.36 9.19 -24.48
CA LEU B 181 19.00 7.77 -24.53
C LEU B 181 19.15 7.25 -25.95
N ALA B 182 18.64 8.00 -26.92
CA ALA B 182 18.72 7.60 -28.32
C ALA B 182 20.16 7.40 -28.76
N ASP B 183 21.08 8.21 -28.22
CA ASP B 183 22.48 8.11 -28.60
C ASP B 183 23.13 6.82 -28.10
N THR B 184 22.51 6.16 -27.12
CA THR B 184 23.06 4.91 -26.60
C THR B 184 22.58 3.68 -27.39
N LEU B 185 21.62 3.88 -28.29
CA LEU B 185 21.07 2.77 -29.07
C LEU B 185 21.86 2.53 -30.35
N GLN B 186 22.01 1.26 -30.70
CA GLN B 186 22.63 0.86 -31.96
C GLN B 186 21.56 0.56 -32.98
N PRO B 187 21.93 0.52 -34.27
CA PRO B 187 20.92 0.08 -35.24
C PRO B 187 20.34 -1.28 -34.85
N GLY B 188 19.02 -1.43 -34.92
CA GLY B 188 18.39 -2.68 -34.56
C GLY B 188 17.82 -2.65 -33.15
N ASP B 189 18.31 -1.73 -32.32
CA ASP B 189 17.72 -1.51 -30.99
C ASP B 189 16.38 -0.79 -31.13
N SER B 190 15.55 -0.89 -30.09
CA SER B 190 14.21 -0.31 -30.10
C SER B 190 13.91 0.33 -28.74
N LEU B 191 13.09 1.37 -28.74
CA LEU B 191 12.59 1.99 -27.50
C LEU B 191 11.08 1.80 -27.43
N LEU B 192 10.60 1.29 -26.31
CA LEU B 192 9.15 1.23 -26.04
C LEU B 192 8.83 2.28 -25.00
N LEU B 193 7.96 3.23 -25.36
CA LEU B 193 7.71 4.41 -24.52
C LEU B 193 6.23 4.57 -24.27
N GLY B 194 5.85 4.64 -22.98
CA GLY B 194 4.47 4.90 -22.62
C GLY B 194 4.19 6.38 -22.38
N THR B 195 3.12 6.90 -22.97
CA THR B 195 2.74 8.30 -22.84
C THR B 195 1.24 8.44 -22.60
N ASP B 196 0.89 9.07 -21.49
CA ASP B 196 -0.50 9.35 -21.17
C ASP B 196 -0.99 10.51 -22.04
N LEU B 197 -2.23 10.45 -22.50
CA LEU B 197 -2.72 11.36 -23.54
C LEU B 197 -3.66 12.40 -22.99
N VAL B 198 -3.69 13.56 -23.65
CA VAL B 198 -4.65 14.61 -23.33
C VAL B 198 -6.06 14.04 -23.42
N LYS B 199 -6.92 14.45 -22.49
CA LYS B 199 -8.28 13.95 -22.41
C LYS B 199 -9.12 14.90 -21.57
N ASP B 200 -10.34 14.51 -21.23
CA ASP B 200 -11.24 15.32 -20.40
C ASP B 200 -10.50 15.82 -19.15
N THR B 201 -10.52 17.13 -18.93
CA THR B 201 -9.71 17.72 -17.88
C THR B 201 -10.20 17.29 -16.50
N GLY B 202 -11.50 17.06 -16.36
CA GLY B 202 -12.05 16.54 -15.12
C GLY B 202 -11.45 15.18 -14.77
N ARG B 203 -11.37 14.28 -15.74
CA ARG B 203 -10.77 12.97 -15.51
C ARG B 203 -9.30 13.10 -15.10
N LEU B 204 -8.59 14.02 -15.74
CA LEU B 204 -7.18 14.24 -15.45
C LEU B 204 -6.98 14.73 -14.01
N VAL B 205 -7.75 15.73 -13.59
CA VAL B 205 -7.61 16.26 -12.24
C VAL B 205 -7.97 15.21 -11.19
N ARG B 206 -9.08 14.51 -11.37
CA ARG B 206 -9.48 13.49 -10.39
C ARG B 206 -8.43 12.38 -10.28
N ALA B 207 -7.75 12.09 -11.39
CA ALA B 207 -6.69 11.08 -11.38
C ALA B 207 -5.55 11.43 -10.42
N TYR B 208 -5.39 12.71 -10.11
CA TYR B 208 -4.32 13.18 -9.25
C TYR B 208 -4.88 13.82 -7.98
N ASP B 209 -6.19 13.63 -7.74
CA ASP B 209 -6.84 14.08 -6.51
C ASP B 209 -8.04 13.17 -6.24
N ASP B 210 -7.74 11.92 -5.93
CA ASP B 210 -8.74 10.87 -5.81
C ASP B 210 -9.62 11.10 -4.60
N ALA B 211 -10.82 10.51 -4.63
CA ALA B 211 -11.81 10.73 -3.59
C ALA B 211 -11.36 10.26 -2.21
N ALA B 212 -10.49 9.26 -2.16
CA ALA B 212 -10.07 8.67 -0.89
C ALA B 212 -8.92 9.43 -0.24
N GLY B 213 -8.35 10.40 -0.94
CA GLY B 213 -7.25 11.18 -0.40
C GLY B 213 -5.90 10.47 -0.36
N VAL B 214 -5.75 9.41 -1.15
CA VAL B 214 -4.48 8.67 -1.15
C VAL B 214 -3.37 9.47 -1.85
N THR B 215 -3.69 10.14 -2.96
CA THR B 215 -2.69 10.96 -3.63
C THR B 215 -2.27 12.14 -2.75
N ALA B 216 -3.21 12.69 -1.99
CA ALA B 216 -2.89 13.75 -1.04
C ALA B 216 -1.87 13.25 0.00
N ALA B 217 -2.02 12.00 0.46
CA ALA B 217 -1.06 11.44 1.42
C ALA B 217 0.31 11.28 0.79
N PHE B 218 0.31 10.76 -0.43
CA PHE B 218 1.52 10.55 -1.22
C PHE B 218 2.27 11.87 -1.39
N ASN B 219 1.53 12.92 -1.70
CA ASN B 219 2.12 14.25 -1.91
C ASN B 219 2.69 14.80 -0.62
N ARG B 220 1.89 14.79 0.45
CA ARG B 220 2.34 15.36 1.70
C ARG B 220 3.51 14.58 2.30
N ASN B 221 3.65 13.30 1.91
CA ASN B 221 4.71 12.48 2.46
C ASN B 221 6.11 12.98 2.08
N VAL B 222 6.22 13.79 1.03
CA VAL B 222 7.54 14.34 0.71
C VAL B 222 8.00 15.26 1.85
N LEU B 223 7.05 15.89 2.55
CA LEU B 223 7.40 16.69 3.72
C LEU B 223 7.93 15.82 4.85
N ALA B 224 7.39 14.61 4.98
CA ALA B 224 7.84 13.67 6.00
C ALA B 224 9.25 13.18 5.70
N VAL B 225 9.54 12.98 4.40
CA VAL B 225 10.88 12.61 3.96
C VAL B 225 11.88 13.68 4.38
N VAL B 226 11.57 14.95 4.10
CA VAL B 226 12.47 16.03 4.48
C VAL B 226 12.54 16.14 6.01
N ASN B 227 11.41 15.96 6.69
CA ASN B 227 11.42 16.04 8.16
C ASN B 227 12.40 15.03 8.76
N ARG B 228 12.30 13.79 8.30
CA ARG B 228 13.11 12.71 8.82
C ARG B 228 14.57 12.85 8.42
N GLU B 229 14.80 13.03 7.12
CA GLU B 229 16.16 12.94 6.58
C GLU B 229 17.01 14.17 6.88
N LEU B 230 16.38 15.33 6.96
CA LEU B 230 17.10 16.58 7.18
C LEU B 230 16.70 17.28 8.48
N SER B 231 16.04 16.55 9.37
CA SER B 231 15.62 17.09 10.66
C SER B 231 14.82 18.39 10.52
N ALA B 232 13.77 18.35 9.70
CA ALA B 232 12.90 19.50 9.49
C ALA B 232 11.63 19.36 10.32
N ASP B 233 10.84 20.43 10.40
CA ASP B 233 9.63 20.44 11.22
C ASP B 233 8.38 20.90 10.47
N PHE B 234 8.25 20.47 9.22
CA PHE B 234 7.01 20.65 8.48
C PHE B 234 5.84 20.09 9.28
N ASP B 235 4.79 20.88 9.41
CA ASP B 235 3.52 20.39 9.95
C ASP B 235 2.64 19.91 8.80
N LEU B 236 2.63 18.60 8.55
CA LEU B 236 1.94 18.08 7.37
C LEU B 236 0.47 18.47 7.37
N ASP B 237 -0.11 18.60 8.56
CA ASP B 237 -1.52 18.94 8.63
C ASP B 237 -1.79 20.37 8.14
N ALA B 238 -0.74 21.18 8.08
CA ALA B 238 -0.88 22.58 7.68
C ALA B 238 -0.87 22.78 6.16
N PHE B 239 -0.69 21.68 5.42
CA PHE B 239 -0.56 21.77 3.96
C PHE B 239 -1.69 21.02 3.25
N GLU B 240 -2.33 21.73 2.33
CA GLU B 240 -3.42 21.20 1.53
C GLU B 240 -2.89 20.65 0.21
N HIS B 241 -3.43 19.51 -0.22
CA HIS B 241 -3.09 18.93 -1.51
C HIS B 241 -3.89 19.60 -2.62
N VAL B 242 -3.23 20.03 -3.68
CA VAL B 242 -3.90 20.70 -4.79
C VAL B 242 -3.40 20.14 -6.12
N ALA B 243 -4.33 19.61 -6.91
CA ALA B 243 -4.04 19.17 -8.27
C ALA B 243 -4.63 20.17 -9.25
N LYS B 244 -3.81 20.64 -10.18
CA LYS B 244 -4.25 21.61 -11.18
C LYS B 244 -4.02 21.09 -12.59
N TRP B 245 -4.93 21.43 -13.51
CA TRP B 245 -4.67 21.23 -14.93
C TRP B 245 -4.18 22.55 -15.50
N ASN B 246 -2.98 22.53 -16.08
CA ASN B 246 -2.40 23.68 -16.74
C ASN B 246 -2.61 23.55 -18.24
N SER B 247 -3.57 24.31 -18.77
CA SER B 247 -3.96 24.15 -20.18
C SER B 247 -2.92 24.73 -21.14
N ASP B 248 -2.14 25.69 -20.67
CA ASP B 248 -1.08 26.27 -21.51
C ASP B 248 0.02 25.26 -21.79
N GLU B 249 0.44 24.54 -20.75
CA GLU B 249 1.52 23.56 -20.86
C GLU B 249 0.96 22.14 -21.07
N GLU B 250 -0.35 22.02 -21.03
CA GLU B 250 -1.05 20.73 -21.08
C GLU B 250 -0.40 19.70 -20.16
N ARG B 251 -0.36 20.04 -18.88
CA ARG B 251 0.20 19.15 -17.87
C ARG B 251 -0.59 19.27 -16.58
N ILE B 252 -0.66 18.16 -15.86
CA ILE B 252 -1.16 18.16 -14.49
C ILE B 252 -0.04 18.67 -13.60
N GLU B 253 -0.41 19.33 -12.51
CA GLU B 253 0.55 19.79 -11.52
C GLU B 253 0.03 19.42 -10.14
N MET B 254 0.94 18.94 -9.29
CA MET B 254 0.62 18.73 -7.89
C MET B 254 1.30 19.81 -7.06
N TRP B 255 0.53 20.42 -6.18
CA TRP B 255 1.01 21.50 -5.32
C TRP B 255 0.69 21.16 -3.86
N LEU B 256 1.46 21.75 -2.95
CA LEU B 256 1.12 21.76 -1.53
C LEU B 256 0.90 23.21 -1.12
N ARG B 257 -0.28 23.48 -0.57
CA ARG B 257 -0.69 24.84 -0.24
C ARG B 257 -0.77 25.04 1.28
N ALA B 258 -0.05 26.04 1.77
CA ALA B 258 -0.05 26.33 3.19
C ALA B 258 -1.40 26.93 3.60
N ARG B 259 -2.08 26.28 4.55
CA ARG B 259 -3.33 26.76 5.12
C ARG B 259 -3.16 28.10 5.79
N THR B 260 -2.09 28.19 6.58
CA THR B 260 -1.75 29.38 7.34
C THR B 260 -0.25 29.60 7.21
N ALA B 261 0.22 30.74 7.67
CA ALA B 261 1.65 31.04 7.68
C ALA B 261 2.39 29.95 8.45
N GLN B 262 3.52 29.51 7.89
CA GLN B 262 4.33 28.46 8.49
C GLN B 262 5.79 28.87 8.51
N HIS B 263 6.46 28.61 9.64
CA HIS B 263 7.90 28.76 9.72
C HIS B 263 8.53 27.39 9.85
N VAL B 264 9.44 27.08 8.93
CA VAL B 264 10.05 25.75 8.88
C VAL B 264 11.56 25.84 9.02
N ARG B 265 12.10 25.12 10.00
CA ARG B 265 13.54 24.99 10.14
C ARG B 265 13.97 23.64 9.60
N VAL B 266 14.92 23.65 8.68
CA VAL B 266 15.56 22.42 8.20
C VAL B 266 16.93 22.34 8.87
N ALA B 267 16.98 21.66 10.01
CA ALA B 267 18.13 21.73 10.90
C ALA B 267 19.41 21.19 10.27
N ALA B 268 19.29 20.14 9.47
CA ALA B 268 20.46 19.52 8.85
C ALA B 268 21.14 20.47 7.86
N LEU B 269 20.38 21.46 7.38
CA LEU B 269 20.91 22.45 6.44
C LEU B 269 21.12 23.80 7.12
N ASP B 270 20.83 23.87 8.42
CA ASP B 270 20.88 25.13 9.15
C ASP B 270 20.12 26.20 8.38
N LEU B 271 18.92 25.83 7.93
CA LEU B 271 18.12 26.66 7.03
C LEU B 271 16.74 26.87 7.60
N GLU B 272 16.29 28.13 7.59
CA GLU B 272 14.94 28.45 8.00
C GLU B 272 14.21 29.09 6.83
N VAL B 273 12.94 28.76 6.69
CA VAL B 273 12.15 29.11 5.53
C VAL B 273 10.74 29.49 5.96
N ASP B 274 10.10 30.39 5.20
CA ASP B 274 8.75 30.85 5.52
C ASP B 274 7.75 30.63 4.40
N PHE B 275 6.57 30.16 4.79
CA PHE B 275 5.42 30.06 3.90
C PHE B 275 4.37 31.08 4.29
N ALA B 276 3.91 31.88 3.34
CA ALA B 276 2.78 32.76 3.57
C ALA B 276 1.51 31.95 3.55
N ALA B 277 0.46 32.43 4.22
CA ALA B 277 -0.83 31.76 4.11
C ALA B 277 -1.22 31.74 2.65
N GLY B 278 -1.60 30.56 2.17
CA GLY B 278 -2.01 30.40 0.79
C GLY B 278 -0.85 30.16 -0.17
N GLU B 279 0.38 30.23 0.32
CA GLU B 279 1.54 30.01 -0.53
C GLU B 279 1.59 28.55 -0.97
N GLU B 280 1.90 28.35 -2.25
CA GLU B 280 1.93 27.02 -2.84
C GLU B 280 3.33 26.61 -3.30
N MET B 281 3.63 25.33 -3.09
CA MET B 281 4.91 24.75 -3.46
C MET B 281 4.66 23.66 -4.49
N LEU B 282 5.38 23.70 -5.62
CA LEU B 282 5.22 22.71 -6.70
C LEU B 282 6.01 21.45 -6.40
N THR B 283 5.33 20.31 -6.37
CA THR B 283 6.00 19.04 -6.07
C THR B 283 6.04 18.08 -7.25
N GLU B 284 5.23 18.30 -8.27
CA GLU B 284 5.26 17.42 -9.44
C GLU B 284 4.53 18.00 -10.63
N VAL B 285 5.04 17.71 -11.83
CA VAL B 285 4.29 17.92 -13.05
C VAL B 285 4.15 16.58 -13.76
N SER B 286 3.07 16.46 -14.52
CA SER B 286 2.75 15.24 -15.25
C SER B 286 2.21 15.67 -16.60
N CYS B 287 3.11 15.76 -17.58
CA CYS B 287 2.74 16.25 -18.90
C CYS B 287 1.90 15.22 -19.61
N LYS B 288 0.89 15.69 -20.34
CA LYS B 288 0.02 14.83 -21.12
C LYS B 288 0.25 15.13 -22.58
N PHE B 289 0.24 14.09 -23.39
CA PHE B 289 0.70 14.18 -24.76
C PHE B 289 -0.40 14.09 -25.82
N ARG B 290 -0.07 14.59 -27.00
CA ARG B 290 -0.89 14.42 -28.18
C ARG B 290 -0.16 13.47 -29.13
N PRO B 291 -0.88 12.53 -29.75
CA PRO B 291 -0.23 11.48 -30.55
C PRO B 291 0.77 12.00 -31.58
N GLU B 292 0.37 13.03 -32.30
CA GLU B 292 1.22 13.61 -33.34
C GLU B 292 2.50 14.20 -32.75
N ASN B 293 2.41 14.78 -31.56
CA ASN B 293 3.56 15.38 -30.91
C ASN B 293 4.55 14.35 -30.39
N VAL B 294 4.06 13.16 -30.04
CA VAL B 294 4.93 12.08 -29.59
C VAL B 294 5.85 11.65 -30.73
N VAL B 295 5.28 11.55 -31.93
CA VAL B 295 6.07 11.20 -33.11
C VAL B 295 7.19 12.24 -33.32
N ALA B 296 6.82 13.51 -33.19
CA ALA B 296 7.76 14.61 -33.39
C ALA B 296 8.87 14.65 -32.34
N GLU B 297 8.51 14.45 -31.07
CA GLU B 297 9.53 14.45 -30.00
C GLU B 297 10.52 13.31 -30.22
N LEU B 298 10.03 12.15 -30.64
CA LEU B 298 10.90 11.01 -30.91
C LEU B 298 11.82 11.29 -32.09
N ALA B 299 11.27 11.83 -33.18
CA ALA B 299 12.08 12.10 -34.36
C ALA B 299 13.16 13.14 -34.06
N GLU B 300 12.82 14.12 -33.23
CA GLU B 300 13.77 15.15 -32.84
C GLU B 300 14.95 14.57 -32.05
N ALA B 301 14.68 13.49 -31.32
CA ALA B 301 15.71 12.80 -30.54
C ALA B 301 16.51 11.81 -31.39
N GLY B 302 16.06 11.58 -32.62
CA GLY B 302 16.74 10.70 -33.54
C GLY B 302 16.15 9.30 -33.58
N LEU B 303 14.87 9.18 -33.23
CA LEU B 303 14.17 7.90 -33.26
C LEU B 303 12.92 7.96 -34.16
N ARG B 304 12.76 6.97 -35.03
CA ARG B 304 11.58 6.86 -35.89
C ARG B 304 10.54 5.94 -35.26
N GLN B 305 9.36 6.48 -35.00
CA GLN B 305 8.25 5.66 -34.50
C GLN B 305 7.80 4.66 -35.57
N THR B 306 7.83 3.36 -35.24
CA THR B 306 7.40 2.31 -36.18
C THR B 306 6.04 1.72 -35.79
N HIS B 307 5.69 1.84 -34.51
CA HIS B 307 4.40 1.34 -34.04
C HIS B 307 3.82 2.25 -32.99
N TRP B 308 2.50 2.36 -33.02
CA TRP B 308 1.73 3.15 -32.07
C TRP B 308 0.49 2.34 -31.70
N TRP B 309 0.28 2.10 -30.41
CA TRP B 309 -0.89 1.38 -29.92
C TRP B 309 -1.56 2.16 -28.79
N THR B 310 -2.87 2.36 -28.88
CA THR B 310 -3.63 2.88 -27.74
C THR B 310 -4.60 1.83 -27.22
N ASP B 311 -5.15 2.08 -26.05
CA ASP B 311 -6.30 1.33 -25.57
C ASP B 311 -7.54 1.70 -26.40
N PRO B 312 -8.62 0.93 -26.24
CA PRO B 312 -9.83 1.19 -27.04
C PRO B 312 -10.43 2.59 -26.83
N ALA B 313 -10.17 3.22 -25.70
CA ALA B 313 -10.72 4.54 -25.41
C ALA B 313 -9.78 5.65 -25.88
N GLY B 314 -8.58 5.30 -26.32
CA GLY B 314 -7.59 6.29 -26.70
C GLY B 314 -7.14 7.14 -25.53
N ASP B 315 -7.06 6.51 -24.35
CA ASP B 315 -6.65 7.19 -23.13
C ASP B 315 -5.13 7.28 -22.97
N PHE B 316 -4.42 6.31 -23.54
CA PHE B 316 -2.99 6.11 -23.27
C PHE B 316 -2.36 5.50 -24.51
N GLY B 317 -1.11 5.86 -24.80
CA GLY B 317 -0.40 5.30 -25.94
C GLY B 317 0.96 4.73 -25.64
N LEU B 318 1.29 3.66 -26.36
CA LEU B 318 2.62 3.05 -26.36
C LEU B 318 3.23 3.24 -27.74
N SER B 319 4.46 3.75 -27.78
CA SER B 319 5.23 3.89 -29.01
C SER B 319 6.36 2.88 -29.04
N LEU B 320 6.58 2.25 -30.20
CA LEU B 320 7.84 1.57 -30.46
C LEU B 320 8.62 2.40 -31.48
N ALA B 321 9.88 2.70 -31.19
CA ALA B 321 10.67 3.57 -32.05
C ALA B 321 12.04 2.99 -32.23
N VAL B 322 12.60 3.15 -33.42
CA VAL B 322 13.86 2.50 -33.72
C VAL B 322 14.96 3.48 -34.04
N ARG B 323 16.17 3.01 -33.80
CA ARG B 323 17.37 3.76 -34.01
C ARG B 323 17.80 3.64 -35.48
MG MG C . -33.87 13.38 0.16
C1 GOL D . -21.41 -1.67 2.23
O1 GOL D . -22.46 -1.84 1.30
C2 GOL D . -20.18 -1.09 1.53
O2 GOL D . -19.58 -2.08 0.72
C3 GOL D . -19.20 -0.56 2.58
O3 GOL D . -17.93 -0.36 2.01
H11 GOL D . -21.72 -1.01 3.04
H12 GOL D . -21.16 -2.64 2.67
HO1 GOL D . -23.22 -2.27 1.75
H2 GOL D . -20.51 -0.26 0.91
HO2 GOL D . -18.80 -1.70 0.26
H31 GOL D . -19.58 0.38 2.98
H32 GOL D . -19.12 -1.28 3.39
HO3 GOL D . -17.40 0.23 2.59
OAA DYT E . -4.09 -1.21 16.27
CAI DYT E . -5.29 -1.39 15.96
OAB DYT E . -6.20 -1.11 16.77
CAK DYT E . -5.64 -1.98 14.61
CL1 DYT E . -6.69 -3.35 14.88
CAF DYT E . -6.37 -0.99 13.73
CAJ DYT E . -5.63 0.32 13.60
CAE DYT E . -4.30 0.48 13.27
NAG DYT E . -4.05 1.84 13.23
CAD DYT E . -5.21 2.50 13.52
NAH DYT E . -6.20 1.56 13.74
HAK DYT E . -4.83 -2.28 14.16
HAG DYT E . -7.26 -0.82 14.13
HAF DYT E . -6.49 -1.38 12.84
HAE DYT E . -3.65 -0.22 13.10
HAD DYT E . -5.33 3.48 13.57
HAH DYT E . -7.06 1.73 13.95
O1 PG4 F . -5.70 11.71 2.69
C1 PG4 F . -4.35 12.02 2.97
C2 PG4 F . -4.22 12.37 4.42
O2 PG4 F . -3.20 11.68 5.19
C3 PG4 F . -1.81 11.92 4.91
C4 PG4 F . -1.25 13.26 5.45
O3 PG4 F . -1.79 13.68 6.67
C5 PG4 F . -0.80 14.23 7.50
C6 PG4 F . -1.38 14.63 8.83
O4 PG4 F . -0.81 13.84 9.87
C7 PG4 F . 0.39 14.36 10.52
C8 PG4 F . 1.65 13.71 9.89
O5 PG4 F . 2.81 14.05 10.67
HO1 PG4 F . -5.75 10.87 2.39
H11 PG4 F . -4.06 12.78 2.43
H12 PG4 F . -3.78 11.24 2.77
H21 PG4 F . -4.04 13.34 4.48
H22 PG4 F . -5.09 12.21 4.85
H31 PG4 F . -1.29 11.19 5.30
H32 PG4 F . -1.69 11.90 3.93
H41 PG4 F . -0.29 13.17 5.56
H42 PG4 F . -1.42 13.95 4.80
H51 PG4 F . -0.09 13.54 7.65
H52 PG4 F . -0.41 15.00 7.07
H61 PG4 F . -1.18 15.58 9.00
H62 PG4 F . -2.35 14.50 8.82
H71 PG4 F . 0.43 15.34 10.38
H72 PG4 F . 0.36 14.16 11.46
H81 PG4 F . 1.54 12.74 9.88
H82 PG4 F . 1.76 14.04 8.97
HO5 PG4 F . 3.51 14.08 10.13
C1 GOL G . 15.81 9.86 0.48
O1 GOL G . 14.65 9.32 1.08
C2 GOL G . 17.03 9.57 1.35
O2 GOL G . 17.25 8.18 1.43
C3 GOL G . 18.27 10.24 0.76
O3 GOL G . 19.42 9.84 1.48
H11 GOL G . 15.96 9.43 -0.50
H12 GOL G . 15.70 10.94 0.37
HO1 GOL G . 13.87 9.57 0.54
H2 GOL G . 16.86 9.97 2.35
HO2 GOL G . 17.42 7.83 0.53
H31 GOL G . 18.38 9.96 -0.28
H32 GOL G . 18.16 11.33 0.83
HO3 GOL G . 20.14 9.63 0.85
OAA DYT H . 2.79 11.23 -13.23
CAI DYT H . 2.28 10.13 -12.89
OAB DYT H . 1.11 9.85 -13.27
CAK DYT H . 3.06 9.14 -12.05
CL1 DYT H . 4.61 8.87 -12.80
CAF DYT H . 3.30 9.64 -10.65
CAJ DYT H . 2.03 10.06 -9.94
CAE DYT H . 0.85 9.35 -9.81
NAG DYT H . -0.03 10.14 -9.07
CAD DYT H . 0.61 11.31 -8.75
NAH DYT H . 1.88 11.26 -9.29
HAK DYT H . 2.57 8.30 -12.02
HAG DYT H . 3.92 10.40 -10.68
HAF DYT H . 3.72 8.92 -10.13
HAE DYT H . 0.67 8.47 -10.17
HAD DYT H . 0.23 12.05 -8.24
HAH DYT H . 2.52 11.90 -9.22
#